data_4P9H
#
_entry.id   4P9H
#
_cell.length_a   66.529
_cell.length_b   132.492
_cell.length_c   142.769
_cell.angle_alpha   90.00
_cell.angle_beta   90.00
_cell.angle_gamma   90.00
#
_symmetry.space_group_name_H-M   'P 21 21 21'
#
loop_
_entity.id
_entity.type
_entity.pdbx_description
1 polymer 'T-cell surface glycoprotein CD4'
2 polymer 'Envelope glycoprotein gp160'
3 polymer 'Fab heavy chain'
4 polymer 'Fab light chain'
5 branched 2-acetamido-2-deoxy-beta-D-glucopyranose-(1-4)-2-acetamido-2-deoxy-beta-D-glucopyranose
6 branched alpha-D-mannopyranose-(1-2)-alpha-D-mannopyranose-(1-2)-alpha-D-mannopyranose-(1-3)-[alpha-D-mannopyranose-(1-2)-alpha-D-mannopyranose-(1-6)-[alpha-D-mannopyranose-(1-3)]alpha-D-mannopyranose-(1-6)]beta-D-mannopyranose-(1-4)-2-acetamido-2-deoxy-beta-D-glucopyranose-(1-4)-2-acetamido-2-deoxy-beta-D-glucopyranose
7 branched alpha-D-mannopyranose-(1-3)-beta-D-mannopyranose-(1-4)-2-acetamido-2-deoxy-beta-D-glucopyranose-(1-4)-2-acetamido-2-deoxy-beta-D-glucopyranose
8 branched alpha-D-mannopyranose-(1-3)-[alpha-D-mannopyranose-(1-6)]beta-D-mannopyranose-(1-4)-2-acetamido-2-deoxy-beta-D-glucopyranose-(1-4)-2-acetamido-2-deoxy-beta-D-glucopyranose
9 branched alpha-D-mannopyranose-(1-6)-beta-D-mannopyranose-(1-4)-2-acetamido-2-deoxy-beta-D-glucopyranose-(1-4)-2-acetamido-2-deoxy-beta-D-glucopyranose
10 non-polymer '4-(2-HYDROXYETHYL)-1-PIPERAZINE ETHANESULFONIC ACID'
11 non-polymer BENZAMIDINE
12 non-polymer 2-acetamido-2-deoxy-beta-D-glucopyranose
#
loop_
_entity_poly.entity_id
_entity_poly.type
_entity_poly.pdbx_seq_one_letter_code
_entity_poly.pdbx_strand_id
1 'polypeptide(L)'
;KKVVLGKKGDTVELTCTASQKKSIQFHWKNSNQIKILGNQGSFLTKGPSKLNDRADSRRSLWDQGNFPLIIKNLTIEDSD
TYICEVEDQKEEVQLLVFGLTANSDTHLLQGQSLTLTLESPPGSSPSVQCRSPRGKNIQGGKTLSVSQLELQDSGTWTCT
VLQNQKKVEFKIDIVVLAFQKAIDGRHHHHHH
;
C
2 'polypeptide(L)'
;VWKDADTTLFCASDAKAHETECHNVWATHACVPTDPNPQEIHLEQVTENFNMWKNNMVEQMQEDVISLWDQCLQPCVKLT
GGSVIKQACPKISFDPIPIHYCTPAGYVILKCNDKNFNGTGPCKNVSSVQCTHGIKPVVSTQLLLNGSLAEEEIIIRSEN
LTNNAKTIIVHLQKSVEINCTRPSNGGSGSGGDIRKAYCEIQGTKWNKVLKQVTEKLKEHFNNKTIIFQPPSGGDLEITM
HHFNCRGEFFYCNTTQLFQNTCIGNETMKGCNGTITLPCKIKQIINMWQGTGQAMYAPPIDGKINCVSQITGILLTRDGG
ANNTSNETFRPGGGNIKDNWRSELYKYKVVQIEGSHHHHHH
;
G
3 'polypeptide(L)'
;QIHLVQSGTEVKKPGSSVTVSCKAYGVNTFGLYAVNWVRQAPGQSLEYIGQIWRWKSSASHHFRGRVLISAVDLTGSSPP
ISSLEIKNLTSDDTAVYFCTTTSTYDKWSGLHHDGVMAFSSWGQGTLISVSAASTKGPSVFPLAPSSKSTSGGTAALGCL
VKDYFPEPVTVSWNSGALTSGVHTFPAVLQSSGLYSLSSVVTVPSSSLGTQTYICNVNHKPSNTKVDKRVEPKSCDKTHH
HHHH
;
H
4 'polypeptide(L)'
;DIQMTQSPSTLSASIGDTVRISCRASQSITGNWVAWYQQRPGKAPRLLIYRGAALLGGVPSRFSGSAAGTDFTLTIGNLQ
AEDFGTFYCQQYDTYPGTFGQGTKVEVKRTVAAPSVFIFPPSDEQLKSGTASVVCLLNNFYPREAKVQWKVDNALQSGNS
QESVTEQDSKDSTYSLSSTLTLSKADYEKHKVYACEVTHQGLSSPVTKSFNRGEC
;
L
#
loop_
_chem_comp.id
_chem_comp.type
_chem_comp.name
_chem_comp.formula
BEN non-polymer BENZAMIDINE 'C7 H8 N2'
BMA D-saccharide, beta linking beta-D-mannopyranose 'C6 H12 O6'
EPE non-polymer '4-(2-HYDROXYETHYL)-1-PIPERAZINE ETHANESULFONIC ACID' 'C8 H18 N2 O4 S'
MAN D-saccharide, alpha linking alpha-D-mannopyranose 'C6 H12 O6'
NAG D-saccharide, beta linking 2-acetamido-2-deoxy-beta-D-glucopyranose 'C8 H15 N O6'
#
# COMPACT_ATOMS: atom_id res chain seq x y z
N LYS A 2 -3.53 -7.62 19.29
CA LYS A 2 -2.51 -7.90 20.30
C LYS A 2 -2.35 -6.72 21.26
N VAL A 3 -2.73 -6.94 22.53
CA VAL A 3 -2.66 -5.89 23.53
C VAL A 3 -1.88 -6.36 24.75
N VAL A 4 -0.99 -5.49 25.24
CA VAL A 4 -0.22 -5.78 26.45
C VAL A 4 -0.21 -4.58 27.39
N LEU A 5 -0.14 -4.86 28.69
CA LEU A 5 -0.16 -3.83 29.73
C LEU A 5 1.19 -3.75 30.47
N GLY A 6 1.33 -2.77 31.36
CA GLY A 6 2.54 -2.61 32.12
C GLY A 6 2.39 -1.61 33.26
N LYS A 7 3.15 -1.83 34.34
CA LYS A 7 3.09 -0.93 35.48
C LYS A 7 3.86 0.34 35.19
N LYS A 8 3.45 1.44 35.81
CA LYS A 8 4.15 2.70 35.68
C LYS A 8 5.48 2.57 36.38
N GLY A 9 6.56 2.76 35.64
CA GLY A 9 7.91 2.71 36.21
C GLY A 9 8.63 1.40 35.92
N ASP A 10 7.94 0.48 35.25
CA ASP A 10 8.50 -0.81 34.89
C ASP A 10 9.06 -0.84 33.47
N THR A 11 9.42 -2.04 33.02
CA THR A 11 10.03 -2.24 31.71
C THR A 11 9.21 -3.23 30.93
N VAL A 12 8.88 -2.86 29.69
CA VAL A 12 8.13 -3.74 28.78
C VAL A 12 8.94 -4.00 27.53
N GLU A 13 8.83 -5.22 27.02
CA GLU A 13 9.53 -5.63 25.82
C GLU A 13 8.55 -6.09 24.76
N LEU A 14 8.52 -5.39 23.63
CA LEU A 14 7.61 -5.70 22.54
C LEU A 14 8.29 -6.56 21.46
N THR A 15 7.54 -7.53 20.95
CA THR A 15 8.07 -8.51 20.01
C THR A 15 7.94 -8.07 18.57
N CYS A 16 9.00 -8.32 17.79
CA CYS A 16 8.95 -8.21 16.34
C CYS A 16 9.82 -9.29 15.74
N THR A 17 9.19 -10.21 15.03
CA THR A 17 9.90 -11.33 14.43
C THR A 17 9.81 -11.27 12.91
N ALA A 18 10.97 -11.19 12.27
CA ALA A 18 11.04 -11.21 10.83
C ALA A 18 10.90 -12.64 10.33
N SER A 19 10.34 -12.79 9.13
CA SER A 19 10.17 -14.11 8.53
C SER A 19 11.51 -14.81 8.34
N GLN A 20 12.52 -14.02 7.98
CA GLN A 20 13.84 -14.54 7.66
C GLN A 20 14.75 -14.47 8.89
N LYS A 21 15.63 -15.46 9.02
CA LYS A 21 16.63 -15.47 10.09
C LYS A 21 17.83 -14.64 9.67
N LYS A 22 17.63 -13.34 9.50
CA LYS A 22 18.73 -12.43 9.15
C LYS A 22 18.38 -11.00 9.53
N SER A 23 19.37 -10.11 9.47
CA SER A 23 19.16 -8.70 9.80
C SER A 23 18.69 -7.93 8.58
N ILE A 24 17.42 -7.54 8.60
CA ILE A 24 16.84 -6.69 7.57
C ILE A 24 16.45 -5.34 8.18
N GLN A 25 16.39 -4.33 7.34
CA GLN A 25 16.10 -3.08 7.91
C GLN A 25 14.73 -3.22 8.50
N PHE A 26 14.64 -2.82 9.76
CA PHE A 26 13.40 -2.77 10.51
C PHE A 26 13.27 -1.39 11.13
N HIS A 27 12.11 -1.11 11.73
CA HIS A 27 11.89 0.14 12.44
C HIS A 27 10.59 0.12 13.24
N TRP A 28 10.69 0.61 14.48
CA TRP A 28 9.57 0.70 15.39
C TRP A 28 9.03 2.11 15.36
N LYS A 29 7.74 2.24 15.01
CA LYS A 29 7.07 3.53 14.99
C LYS A 29 5.89 3.53 15.95
N ASN A 30 5.41 4.71 16.35
CA ASN A 30 4.15 4.80 17.10
C ASN A 30 2.94 4.95 16.16
N SER A 31 1.76 5.13 16.74
CA SER A 31 0.52 5.29 15.99
C SER A 31 0.50 6.57 15.16
N ASN A 32 1.14 7.61 15.68
CA ASN A 32 1.22 8.88 14.98
C ASN A 32 2.29 8.88 13.87
N GLN A 33 2.90 7.71 13.64
CA GLN A 33 3.94 7.49 12.63
C GLN A 33 5.24 8.21 12.99
N ILE A 34 5.52 8.33 14.28
CA ILE A 34 6.78 8.91 14.75
C ILE A 34 7.80 7.81 15.03
N LYS A 35 8.99 7.95 14.45
CA LYS A 35 10.01 6.93 14.60
C LYS A 35 10.44 6.82 16.05
N ILE A 36 10.61 5.59 16.51
CA ILE A 36 11.12 5.33 17.84
C ILE A 36 12.49 4.64 17.94
N LEU A 37 12.59 3.48 17.29
CA LEU A 37 13.83 2.74 17.31
C LEU A 37 13.97 1.84 16.08
N GLY A 38 14.99 2.11 15.27
CA GLY A 38 15.26 1.32 14.07
C GLY A 38 16.74 1.04 13.86
N ASN A 39 17.08 0.45 12.72
CA ASN A 39 18.48 0.18 12.40
C ASN A 39 18.89 0.61 11.00
N GLN A 40 20.12 1.10 10.88
CA GLN A 40 20.72 1.38 9.57
C GLN A 40 21.99 0.54 9.36
N GLY A 41 21.86 -0.50 8.55
CA GLY A 41 22.93 -1.45 8.41
C GLY A 41 22.96 -2.23 9.72
N SER A 42 24.12 -2.26 10.38
CA SER A 42 24.27 -2.94 11.68
C SER A 42 24.23 -1.95 12.85
N PHE A 43 23.96 -0.69 12.53
CA PHE A 43 23.93 0.35 13.53
C PHE A 43 22.53 0.59 14.07
N LEU A 44 22.46 1.07 15.30
CA LEU A 44 21.19 1.41 15.94
C LEU A 44 20.94 2.90 15.80
N THR A 45 19.68 3.23 15.53
CA THR A 45 19.25 4.62 15.45
C THR A 45 17.96 4.79 16.26
N LYS A 46 17.83 5.93 16.92
CA LYS A 46 16.67 6.23 17.76
C LYS A 46 15.95 7.45 17.23
N GLY A 47 14.62 7.36 17.14
CA GLY A 47 13.81 8.43 16.61
C GLY A 47 13.56 9.53 17.62
N PRO A 48 12.97 10.65 17.18
CA PRO A 48 12.69 11.84 18.01
C PRO A 48 11.56 11.64 19.01
N SER A 49 11.12 10.39 19.21
CA SER A 49 10.06 10.09 20.17
C SER A 49 10.43 10.43 21.61
N LYS A 50 9.41 10.65 22.42
CA LYS A 50 9.57 10.98 23.84
C LYS A 50 10.29 9.89 24.65
N LEU A 51 10.47 8.72 24.04
CA LEU A 51 11.20 7.63 24.69
C LEU A 51 12.60 7.40 24.12
N ASN A 52 13.30 8.46 23.72
CA ASN A 52 14.60 8.28 23.06
C ASN A 52 15.65 7.57 23.91
N ASP A 53 15.76 7.95 25.18
CA ASP A 53 16.30 7.11 26.22
C ASP A 53 15.15 6.27 26.72
N ARG A 54 15.45 5.31 27.59
CA ARG A 54 14.44 4.38 28.09
C ARG A 54 13.86 3.56 26.95
N ALA A 55 14.50 3.61 25.79
CA ALA A 55 14.22 2.70 24.68
C ALA A 55 15.50 2.05 24.14
N ASP A 56 15.46 0.74 24.03
CA ASP A 56 16.61 0.01 23.54
C ASP A 56 16.16 -1.26 22.81
N SER A 57 17.12 -1.97 22.24
CA SER A 57 16.85 -3.22 21.58
C SER A 57 18.00 -4.17 21.79
N ARG A 58 17.71 -5.46 21.66
CA ARG A 58 18.78 -6.46 21.73
C ARG A 58 19.33 -6.74 20.36
N ARG A 59 20.45 -6.10 20.07
CA ARG A 59 21.13 -6.24 18.78
C ARG A 59 21.54 -7.68 18.55
N SER A 60 21.66 -8.43 19.65
CA SER A 60 22.07 -9.83 19.61
C SER A 60 21.19 -10.65 18.67
N LEU A 61 19.89 -10.36 18.72
CA LEU A 61 18.89 -11.16 18.02
C LEU A 61 18.57 -10.63 16.64
N TRP A 62 19.26 -9.58 16.22
CA TRP A 62 18.97 -9.01 14.92
C TRP A 62 19.37 -9.96 13.80
N ASP A 63 20.44 -10.72 14.04
CA ASP A 63 20.89 -11.69 13.04
C ASP A 63 19.96 -12.89 12.99
N GLN A 64 19.40 -13.25 14.14
CA GLN A 64 18.43 -14.32 14.19
C GLN A 64 17.10 -13.87 13.56
N GLY A 65 16.96 -12.58 13.31
CA GLY A 65 15.76 -12.04 12.67
C GLY A 65 14.74 -11.48 13.63
N ASN A 66 15.17 -11.24 14.87
CA ASN A 66 14.28 -10.72 15.91
C ASN A 66 14.67 -9.30 16.31
N PHE A 67 13.69 -8.39 16.28
CA PHE A 67 13.95 -6.98 16.55
C PHE A 67 13.09 -6.41 17.69
N PRO A 68 13.41 -6.76 18.93
CA PRO A 68 12.60 -6.31 20.06
C PRO A 68 12.66 -4.81 20.30
N LEU A 69 11.55 -4.24 20.74
CA LEU A 69 11.53 -2.86 21.23
C LEU A 69 11.38 -2.88 22.73
N ILE A 70 12.45 -2.53 23.43
CA ILE A 70 12.44 -2.44 24.88
C ILE A 70 12.17 -1.01 25.32
N ILE A 71 11.13 -0.82 26.12
CA ILE A 71 10.87 0.48 26.73
C ILE A 71 10.94 0.34 28.24
N LYS A 72 12.04 0.80 28.84
CA LYS A 72 12.21 0.65 30.28
C LYS A 72 11.67 1.87 31.01
N ASN A 73 11.34 1.69 32.28
CA ASN A 73 10.78 2.75 33.10
C ASN A 73 9.52 3.45 32.60
N LEU A 74 8.51 2.65 32.27
CA LEU A 74 7.32 3.12 31.58
C LEU A 74 6.72 4.35 32.25
N THR A 75 6.09 5.17 31.42
CA THR A 75 5.27 6.29 31.87
C THR A 75 3.86 6.05 31.38
N ILE A 76 2.92 6.85 31.87
CA ILE A 76 1.53 6.74 31.45
C ILE A 76 1.39 7.19 30.00
N GLU A 77 2.11 8.25 29.64
CA GLU A 77 2.06 8.79 28.29
C GLU A 77 2.56 7.79 27.24
N ASP A 78 3.42 6.85 27.63
CA ASP A 78 3.95 5.84 26.69
C ASP A 78 2.84 4.93 26.16
N SER A 79 1.67 4.97 26.79
CA SER A 79 0.53 4.18 26.31
C SER A 79 0.13 4.56 24.90
N ASP A 80 0.30 3.63 23.96
CA ASP A 80 0.07 3.91 22.55
C ASP A 80 0.16 2.61 21.76
N THR A 81 -0.13 2.69 20.47
CA THR A 81 -0.01 1.55 19.57
C THR A 81 1.33 1.64 18.88
N TYR A 82 2.10 0.55 18.92
CA TYR A 82 3.43 0.52 18.33
C TYR A 82 3.47 -0.42 17.14
N ILE A 83 4.21 0.00 16.12
CA ILE A 83 4.26 -0.74 14.86
C ILE A 83 5.69 -1.17 14.53
N CYS A 84 5.87 -2.45 14.21
CA CYS A 84 7.17 -2.95 13.79
C CYS A 84 7.21 -3.18 12.29
N GLU A 85 7.71 -2.23 11.54
CA GLU A 85 7.84 -2.49 10.13
C GLU A 85 9.13 -3.28 9.82
N VAL A 86 8.95 -4.45 9.23
CA VAL A 86 10.08 -5.21 8.73
C VAL A 86 9.87 -5.69 7.29
N GLU A 87 9.91 -4.72 6.38
CA GLU A 87 9.83 -4.94 4.93
C GLU A 87 8.48 -5.33 4.38
N ASP A 88 7.93 -6.44 4.86
CA ASP A 88 6.57 -6.85 4.48
C ASP A 88 5.64 -6.83 5.68
N GLN A 89 6.20 -7.22 6.81
CA GLN A 89 5.46 -7.24 8.04
C GLN A 89 5.16 -5.80 8.43
N LYS A 90 3.95 -5.59 8.89
CA LYS A 90 3.58 -4.37 9.54
C LYS A 90 2.85 -4.83 10.79
N GLU A 91 3.58 -5.43 11.72
CA GLU A 91 2.89 -5.92 12.92
C GLU A 91 2.52 -4.75 13.82
N GLU A 92 1.40 -4.89 14.54
CA GLU A 92 0.93 -3.86 15.44
C GLU A 92 0.65 -4.40 16.84
N VAL A 93 0.85 -3.56 17.85
CA VAL A 93 0.63 -3.95 19.25
C VAL A 93 0.17 -2.76 20.07
N GLN A 94 -0.81 -2.99 20.94
CA GLN A 94 -1.38 -1.96 21.80
C GLN A 94 -0.77 -2.00 23.20
N LEU A 95 -0.01 -0.98 23.56
CA LEU A 95 0.62 -0.91 24.88
C LEU A 95 -0.18 0.03 25.79
N LEU A 96 -0.47 -0.46 26.98
CA LEU A 96 -1.15 0.33 27.99
C LEU A 96 -0.40 0.29 29.33
N VAL A 97 -0.22 1.44 29.94
CA VAL A 97 0.52 1.53 31.20
C VAL A 97 -0.31 2.17 32.32
N PHE A 98 -0.34 1.49 33.46
CA PHE A 98 -1.08 1.97 34.61
C PHE A 98 -0.18 2.28 35.79
N GLY A 99 -0.56 3.28 36.58
CA GLY A 99 0.16 3.63 37.78
C GLY A 99 -0.84 3.86 38.88
N LEU A 100 -0.66 3.15 40.00
CA LEU A 100 -1.59 3.26 41.11
C LEU A 100 -0.93 4.01 42.26
N THR A 101 -1.62 5.05 42.73
CA THR A 101 -1.11 5.92 43.78
C THR A 101 -2.20 6.24 44.80
N ALA A 102 -1.86 6.05 46.07
CA ALA A 102 -2.75 6.45 47.16
C ALA A 102 -2.66 7.95 47.37
N ASN A 103 -3.65 8.51 48.06
CA ASN A 103 -3.71 9.95 48.27
C ASN A 103 -2.48 10.52 48.98
N SER A 104 -1.90 9.74 49.89
CA SER A 104 -0.69 10.17 50.62
C SER A 104 0.24 8.98 50.81
N ASP A 105 1.34 9.21 51.53
CA ASP A 105 2.29 8.16 51.89
C ASP A 105 1.64 7.06 52.72
N GLN A 112 -9.39 7.92 59.60
CA GLN A 112 -9.75 8.61 58.36
C GLN A 112 -9.93 7.63 57.19
N SER A 113 -9.95 8.19 55.99
CA SER A 113 -10.26 7.46 54.77
C SER A 113 -9.05 7.29 53.88
N LEU A 114 -9.11 6.28 53.02
CA LEU A 114 -8.09 6.02 52.01
C LEU A 114 -8.72 6.08 50.63
N THR A 115 -7.93 6.48 49.64
CA THR A 115 -8.39 6.45 48.25
C THR A 115 -7.26 6.14 47.30
N LEU A 116 -7.39 5.02 46.59
CA LEU A 116 -6.40 4.59 45.62
C LEU A 116 -6.84 5.09 44.24
N THR A 117 -6.14 6.10 43.75
CA THR A 117 -6.40 6.63 42.41
C THR A 117 -5.54 5.90 41.40
N LEU A 118 -6.20 5.26 40.42
CA LEU A 118 -5.52 4.53 39.37
C LEU A 118 -5.24 5.42 38.16
N GLU A 119 -4.00 5.85 38.02
CA GLU A 119 -3.60 6.65 36.87
C GLU A 119 -3.68 5.80 35.60
N SER A 120 -4.66 6.10 34.75
CA SER A 120 -4.96 5.30 33.57
C SER A 120 -4.93 6.12 32.27
N PRO A 121 -4.59 5.47 31.15
CA PRO A 121 -4.57 6.17 29.86
C PRO A 121 -5.97 6.43 29.30
N PRO A 122 -6.15 7.50 28.51
CA PRO A 122 -7.45 7.82 27.92
C PRO A 122 -7.94 6.73 26.97
N GLY A 123 -9.25 6.52 26.95
CA GLY A 123 -9.83 5.47 26.13
C GLY A 123 -9.56 4.13 26.76
N SER A 124 -9.58 4.09 28.09
CA SER A 124 -9.39 2.85 28.84
C SER A 124 -10.67 2.43 29.52
N SER A 125 -10.72 1.16 29.90
CA SER A 125 -11.83 0.63 30.69
C SER A 125 -11.28 -0.04 31.94
N PRO A 126 -10.75 0.77 32.87
CA PRO A 126 -10.15 0.31 34.12
C PRO A 126 -11.05 -0.63 34.92
N SER A 127 -10.47 -1.70 35.43
CA SER A 127 -11.17 -2.62 36.32
C SER A 127 -10.24 -2.98 37.48
N VAL A 128 -10.49 -2.39 38.64
CA VAL A 128 -9.55 -2.44 39.76
C VAL A 128 -10.12 -3.15 40.98
N GLN A 129 -9.43 -4.20 41.43
CA GLN A 129 -9.79 -4.88 42.67
C GLN A 129 -8.57 -5.08 43.61
N CYS A 130 -8.70 -4.59 44.84
CA CYS A 130 -7.61 -4.63 45.84
C CYS A 130 -7.88 -5.58 47.00
N ARG A 131 -6.96 -6.52 47.23
CA ARG A 131 -7.07 -7.44 48.36
C ARG A 131 -6.31 -6.90 49.56
N SER A 132 -7.04 -6.58 50.62
CA SER A 132 -6.47 -6.07 51.87
C SER A 132 -5.84 -7.19 52.69
N PRO A 133 -4.98 -6.82 53.65
CA PRO A 133 -4.63 -7.75 54.71
C PRO A 133 -5.89 -8.37 55.33
N ARG A 134 -5.87 -9.66 55.62
CA ARG A 134 -7.05 -10.43 56.02
C ARG A 134 -7.96 -10.61 54.81
N GLY A 135 -7.38 -10.45 53.62
CA GLY A 135 -8.05 -10.77 52.38
C GLY A 135 -9.37 -10.07 52.13
N LYS A 136 -9.47 -8.80 52.49
CA LYS A 136 -10.66 -8.02 52.18
C LYS A 136 -10.61 -7.46 50.76
N ASN A 137 -11.56 -7.87 49.93
CA ASN A 137 -11.55 -7.50 48.50
C ASN A 137 -12.47 -6.32 48.18
N ILE A 138 -11.94 -5.37 47.41
CA ILE A 138 -12.68 -4.16 47.03
C ILE A 138 -12.54 -3.87 45.55
N GLN A 139 -13.66 -3.61 44.88
CA GLN A 139 -13.69 -3.36 43.44
C GLN A 139 -14.15 -1.94 43.12
N GLY A 140 -13.77 -1.44 41.95
CA GLY A 140 -14.18 -0.11 41.52
C GLY A 140 -13.46 0.35 40.26
N GLY A 141 -13.67 1.62 39.90
CA GLY A 141 -13.02 2.18 38.72
C GLY A 141 -11.67 2.75 39.07
N LYS A 142 -11.29 3.86 38.44
CA LYS A 142 -9.99 4.46 38.67
C LYS A 142 -9.77 4.81 40.14
N THR A 143 -10.84 4.74 40.94
CA THR A 143 -10.78 5.14 42.34
C THR A 143 -11.37 4.06 43.25
N LEU A 144 -10.58 3.68 44.24
CA LEU A 144 -11.07 2.82 45.32
C LEU A 144 -10.93 3.55 46.64
N SER A 145 -11.95 3.42 47.49
CA SER A 145 -12.01 4.20 48.71
C SER A 145 -12.36 3.37 49.95
N VAL A 146 -11.93 3.86 51.12
CA VAL A 146 -12.20 3.22 52.40
C VAL A 146 -12.11 4.23 53.53
N SER A 147 -12.86 4.03 54.61
CA SER A 147 -13.11 5.08 55.59
C SER A 147 -12.73 4.69 57.04
N GLN A 148 -11.78 3.76 57.18
CA GLN A 148 -11.37 3.20 58.47
C GLN A 148 -9.92 2.72 58.41
N LEU A 149 -9.48 2.03 59.45
CA LEU A 149 -8.09 1.64 59.59
C LEU A 149 -7.92 0.55 60.63
N ASP A 153 -5.55 -3.64 59.32
CA ASP A 153 -6.20 -3.05 58.15
C ASP A 153 -5.21 -2.25 57.30
N SER A 154 -4.02 -1.99 57.85
CA SER A 154 -3.03 -1.14 57.19
C SER A 154 -1.68 -1.82 57.02
N GLY A 155 -1.41 -2.32 55.82
CA GLY A 155 -0.16 -2.99 55.51
C GLY A 155 0.11 -3.06 54.02
N THR A 156 0.61 -4.21 53.57
CA THR A 156 0.97 -4.44 52.18
C THR A 156 -0.26 -4.83 51.37
N TRP A 157 -1.12 -3.85 51.15
CA TRP A 157 -2.31 -4.03 50.33
C TRP A 157 -1.89 -4.36 48.90
N THR A 158 -2.61 -5.29 48.26
CA THR A 158 -2.29 -5.69 46.89
C THR A 158 -3.50 -5.54 45.98
N CYS A 159 -3.28 -4.99 44.79
CA CYS A 159 -4.37 -4.61 43.91
C CYS A 159 -4.16 -4.93 42.44
N THR A 160 -5.04 -5.77 41.89
CA THR A 160 -4.94 -6.19 40.49
C THR A 160 -5.86 -5.35 39.58
N VAL A 161 -5.36 -5.06 38.38
CA VAL A 161 -6.12 -4.30 37.39
C VAL A 161 -6.36 -5.15 36.15
N LEU A 162 -7.60 -5.11 35.65
CA LEU A 162 -8.01 -5.92 34.50
C LEU A 162 -8.33 -5.05 33.30
N GLN A 163 -7.70 -5.36 32.17
CA GLN A 163 -7.94 -4.64 30.93
C GLN A 163 -7.68 -5.55 29.74
N ASN A 164 -8.68 -5.65 28.87
CA ASN A 164 -8.64 -6.53 27.70
C ASN A 164 -8.31 -7.97 28.08
N GLN A 165 -8.92 -8.45 29.17
CA GLN A 165 -8.72 -9.81 29.68
C GLN A 165 -7.27 -10.07 30.07
N LYS A 166 -6.59 -9.01 30.51
CA LYS A 166 -5.21 -9.12 30.97
C LYS A 166 -5.06 -8.45 32.33
N LYS A 167 -4.55 -9.21 33.29
CA LYS A 167 -4.42 -8.73 34.66
C LYS A 167 -3.02 -8.21 34.97
N VAL A 168 -2.96 -7.07 35.63
CA VAL A 168 -1.68 -6.51 36.09
C VAL A 168 -1.74 -6.25 37.60
N GLU A 169 -0.77 -6.81 38.32
CA GLU A 169 -0.79 -6.80 39.79
C GLU A 169 0.03 -5.65 40.37
N PHE A 170 -0.57 -4.92 41.31
CA PHE A 170 0.12 -3.83 42.01
C PHE A 170 0.19 -4.15 43.49
N LYS A 171 1.10 -3.48 44.20
CA LYS A 171 1.18 -3.59 45.65
C LYS A 171 1.57 -2.25 46.26
N ILE A 172 0.89 -1.89 47.35
CA ILE A 172 1.15 -0.65 48.05
C ILE A 172 1.09 -0.85 49.54
N ASP A 173 1.90 -0.07 50.25
CA ASP A 173 2.00 -0.17 51.70
C ASP A 173 1.38 1.07 52.33
N ILE A 174 0.78 0.90 53.51
CA ILE A 174 0.09 1.99 54.20
C ILE A 174 0.47 2.05 55.69
N VAL A 175 -0.18 2.96 56.42
CA VAL A 175 0.13 3.23 57.81
C VAL A 175 -1.15 3.46 58.62
N VAL A 176 -0.98 3.83 59.89
CA VAL A 176 -2.09 3.97 60.83
C VAL A 176 -1.71 4.93 61.97
N LEU A 177 -2.63 5.09 62.92
CA LEU A 177 -2.41 5.99 64.06
C LEU A 177 -3.04 5.43 65.33
N VAL B 1 15.72 -8.36 -27.20
CA VAL B 1 17.16 -8.57 -27.24
C VAL B 1 17.76 -8.84 -25.83
N TRP B 2 17.18 -8.26 -24.77
CA TRP B 2 17.72 -8.45 -23.41
C TRP B 2 16.68 -8.40 -22.30
N LYS B 3 17.05 -8.95 -21.15
CA LYS B 3 16.23 -8.91 -19.96
C LYS B 3 17.11 -8.66 -18.74
N ASP B 4 16.50 -8.13 -17.69
CA ASP B 4 17.22 -7.89 -16.46
C ASP B 4 17.60 -9.23 -15.87
N ALA B 5 18.79 -9.31 -15.29
CA ALA B 5 19.27 -10.57 -14.73
C ALA B 5 20.35 -10.36 -13.67
N ASP B 6 20.38 -11.25 -12.68
CA ASP B 6 21.37 -11.18 -11.62
C ASP B 6 22.44 -12.23 -11.85
N THR B 7 23.60 -11.76 -12.26
CA THR B 7 24.75 -12.64 -12.43
C THR B 7 25.90 -12.19 -11.53
N THR B 8 27.00 -12.95 -11.52
CA THR B 8 28.15 -12.55 -10.71
C THR B 8 29.09 -11.70 -11.53
N LEU B 9 29.52 -10.59 -10.94
CA LEU B 9 30.36 -9.64 -11.64
C LEU B 9 31.83 -9.91 -11.35
N PHE B 10 32.67 -9.05 -11.89
CA PHE B 10 34.08 -9.12 -11.58
C PHE B 10 34.61 -7.69 -11.59
N CYS B 11 35.57 -7.44 -10.74
CA CYS B 11 36.14 -6.10 -10.57
C CYS B 11 37.17 -5.76 -11.64
N ALA B 12 37.53 -4.50 -11.75
CA ALA B 12 38.61 -4.07 -12.62
C ALA B 12 39.16 -2.72 -12.12
N SER B 13 40.47 -2.63 -11.92
CA SER B 13 41.10 -1.40 -11.46
C SER B 13 42.49 -1.19 -12.05
N ASP B 14 43.13 -0.11 -11.62
CA ASP B 14 44.46 0.23 -12.10
C ASP B 14 45.46 0.14 -10.96
N ALA B 15 45.16 -0.76 -10.04
CA ALA B 15 46.04 -0.97 -8.89
C ALA B 15 47.41 -1.41 -9.34
N LYS B 16 48.44 -0.91 -8.64
CA LYS B 16 49.83 -1.25 -8.90
C LYS B 16 50.34 -2.32 -7.94
N ALA B 17 51.03 -3.31 -8.49
CA ALA B 17 51.45 -4.50 -7.75
C ALA B 17 52.47 -4.18 -6.67
N HIS B 18 53.24 -3.13 -6.89
CA HIS B 18 54.30 -2.76 -5.97
C HIS B 18 53.78 -1.93 -4.81
N GLU B 19 52.51 -1.51 -4.90
CA GLU B 19 51.93 -0.67 -3.87
C GLU B 19 51.62 -1.46 -2.62
N THR B 20 51.81 -0.81 -1.47
CA THR B 20 51.60 -1.43 -0.17
C THR B 20 50.22 -1.09 0.36
N GLU B 21 49.62 -0.07 -0.24
CA GLU B 21 48.30 0.38 0.15
C GLU B 21 47.29 -0.74 -0.06
N CYS B 22 46.59 -1.11 1.01
CA CYS B 22 45.83 -2.35 1.00
C CYS B 22 44.80 -2.43 -0.10
N HIS B 23 44.19 -1.30 -0.46
CA HIS B 23 43.18 -1.32 -1.51
C HIS B 23 43.89 -1.86 -2.77
N ASN B 24 45.03 -1.27 -3.11
CA ASN B 24 45.83 -1.75 -4.25
C ASN B 24 46.12 -3.25 -4.15
N VAL B 25 46.51 -3.70 -2.97
CA VAL B 25 46.81 -5.12 -2.79
C VAL B 25 45.64 -6.01 -3.06
N TRP B 26 44.50 -5.69 -2.47
CA TRP B 26 43.28 -6.48 -2.64
C TRP B 26 42.90 -6.52 -4.13
N ALA B 27 42.96 -5.35 -4.77
CA ALA B 27 42.53 -5.20 -6.16
C ALA B 27 43.40 -6.01 -7.10
N THR B 28 44.70 -6.03 -6.83
CA THR B 28 45.63 -6.76 -7.70
C THR B 28 45.39 -8.27 -7.58
N HIS B 29 44.82 -8.70 -6.45
CA HIS B 29 44.52 -10.11 -6.23
C HIS B 29 43.07 -10.52 -6.60
N ALA B 30 42.15 -9.56 -6.66
CA ALA B 30 40.73 -9.88 -6.84
C ALA B 30 40.19 -9.33 -8.15
N CYS B 31 40.90 -8.39 -8.76
CA CYS B 31 40.36 -7.66 -9.91
C CYS B 31 41.35 -7.61 -11.08
N VAL B 32 40.85 -7.26 -12.26
CA VAL B 32 41.67 -7.25 -13.48
C VAL B 32 42.04 -5.82 -13.88
N PRO B 33 42.91 -5.68 -14.88
CA PRO B 33 43.23 -4.34 -15.38
C PRO B 33 42.04 -3.66 -16.04
N THR B 34 42.09 -2.32 -16.11
CA THR B 34 41.00 -1.58 -16.73
C THR B 34 41.16 -1.66 -18.21
N ASP B 35 40.06 -1.42 -18.92
CA ASP B 35 40.08 -1.41 -20.35
C ASP B 35 40.79 -0.14 -20.82
N PRO B 36 41.87 -0.28 -21.59
CA PRO B 36 42.56 0.89 -22.14
C PRO B 36 41.77 1.62 -23.23
N ASN B 37 40.91 0.90 -23.94
CA ASN B 37 40.02 1.48 -24.94
C ASN B 37 38.57 1.17 -24.61
N PRO B 38 38.06 1.76 -23.53
CA PRO B 38 36.68 1.50 -23.13
C PRO B 38 35.74 2.07 -24.17
N GLN B 39 34.76 1.29 -24.59
CA GLN B 39 33.82 1.80 -25.58
C GLN B 39 32.39 1.73 -25.06
N GLU B 40 31.69 2.83 -25.33
CA GLU B 40 30.34 3.06 -24.84
C GLU B 40 29.42 3.26 -26.04
N ILE B 41 28.41 2.40 -26.17
CA ILE B 41 27.49 2.44 -27.30
C ILE B 41 26.12 3.02 -26.90
N HIS B 42 25.76 4.16 -27.48
CA HIS B 42 24.50 4.81 -27.18
C HIS B 42 23.33 4.12 -27.86
N LEU B 43 22.40 3.59 -27.05
CA LEU B 43 21.21 2.93 -27.57
C LEU B 43 20.14 3.94 -28.02
N GLU B 44 20.14 4.24 -29.32
CA GLU B 44 19.20 5.21 -29.88
C GLU B 44 17.78 4.66 -29.88
N GLN B 45 16.83 5.51 -29.54
CA GLN B 45 15.41 5.15 -29.57
C GLN B 45 15.09 4.08 -28.54
N VAL B 46 15.99 3.87 -27.58
CA VAL B 46 15.77 2.86 -26.53
C VAL B 46 15.48 3.54 -25.21
N THR B 47 14.31 3.23 -24.66
CA THR B 47 13.94 3.64 -23.32
C THR B 47 13.94 2.43 -22.39
N GLU B 48 14.70 2.51 -21.30
CA GLU B 48 14.85 1.39 -20.36
C GLU B 48 14.51 1.83 -18.96
N ASN B 49 13.86 0.96 -18.21
CA ASN B 49 13.48 1.26 -16.83
C ASN B 49 14.56 0.89 -15.83
N PHE B 50 14.64 1.66 -14.74
CA PHE B 50 15.65 1.44 -13.70
C PHE B 50 15.01 1.47 -12.33
N ASN B 51 15.50 0.65 -11.41
CA ASN B 51 15.07 0.72 -10.01
C ASN B 51 16.25 0.56 -9.06
N MET B 52 16.92 1.68 -8.80
CA MET B 52 18.19 1.66 -8.10
C MET B 52 18.16 0.98 -6.73
N TRP B 53 16.98 0.70 -6.20
CA TRP B 53 16.80 0.19 -4.84
C TRP B 53 16.79 -1.33 -4.87
N LYS B 54 16.66 -1.90 -6.08
CA LYS B 54 16.66 -3.35 -6.25
C LYS B 54 17.80 -3.85 -7.14
N ASN B 55 18.97 -3.20 -7.04
CA ASN B 55 20.11 -3.47 -7.90
C ASN B 55 21.14 -4.37 -7.24
N ASN B 56 21.17 -5.63 -7.67
CA ASN B 56 22.05 -6.63 -7.07
C ASN B 56 23.54 -6.26 -7.16
N MET B 57 23.87 -5.35 -8.07
CA MET B 57 25.25 -4.90 -8.21
C MET B 57 25.76 -4.41 -6.88
N VAL B 58 24.93 -3.59 -6.21
CA VAL B 58 25.26 -2.99 -4.93
C VAL B 58 25.61 -4.07 -3.92
N GLU B 59 24.76 -5.09 -3.85
CA GLU B 59 24.96 -6.17 -2.91
C GLU B 59 26.32 -6.80 -3.12
N GLN B 60 26.72 -7.00 -4.36
CA GLN B 60 27.98 -7.65 -4.62
C GLN B 60 29.18 -6.74 -4.28
N MET B 61 28.99 -5.44 -4.47
CA MET B 61 30.06 -4.52 -4.14
C MET B 61 30.22 -4.53 -2.64
N GLN B 62 29.09 -4.57 -1.94
CA GLN B 62 29.08 -4.62 -0.49
C GLN B 62 29.98 -5.78 -0.05
N GLU B 63 29.80 -6.94 -0.68
CA GLU B 63 30.55 -8.13 -0.29
C GLU B 63 32.04 -7.94 -0.52
N ASP B 64 32.41 -7.22 -1.57
CA ASP B 64 33.82 -6.99 -1.85
C ASP B 64 34.41 -6.11 -0.77
N VAL B 65 33.74 -4.99 -0.49
CA VAL B 65 34.28 -4.02 0.45
C VAL B 65 34.40 -4.62 1.84
N ILE B 66 33.51 -5.53 2.16
CA ILE B 66 33.58 -6.19 3.46
C ILE B 66 34.83 -7.05 3.47
N SER B 67 35.02 -7.82 2.41
CA SER B 67 36.20 -8.67 2.31
C SER B 67 37.47 -7.86 2.31
N LEU B 68 37.44 -6.74 1.61
CA LEU B 68 38.59 -5.86 1.55
C LEU B 68 38.90 -5.26 2.93
N TRP B 69 37.88 -4.75 3.63
CA TRP B 69 38.10 -4.23 4.97
C TRP B 69 38.51 -5.37 5.92
N ASP B 70 38.14 -6.61 5.60
CA ASP B 70 38.46 -7.76 6.43
C ASP B 70 39.93 -8.14 6.30
N GLN B 71 40.45 -8.09 5.09
CA GLN B 71 41.83 -8.46 4.85
C GLN B 71 42.73 -7.31 5.23
N CYS B 72 42.23 -6.11 5.00
CA CYS B 72 43.06 -4.93 5.17
C CYS B 72 42.95 -4.25 6.54
N LEU B 73 41.82 -4.41 7.22
CA LEU B 73 41.63 -3.75 8.50
C LEU B 73 41.14 -4.76 9.51
N GLN B 74 42.01 -5.68 9.82
CA GLN B 74 41.73 -6.70 10.80
C GLN B 74 41.89 -6.07 12.18
N PRO B 75 40.88 -6.22 13.05
CA PRO B 75 40.95 -5.67 14.41
C PRO B 75 41.87 -6.44 15.33
N CYS B 76 42.49 -5.75 16.29
CA CYS B 76 43.32 -6.39 17.28
C CYS B 76 42.48 -7.30 18.16
N VAL B 77 41.32 -6.79 18.57
CA VAL B 77 40.39 -7.52 19.43
C VAL B 77 38.98 -7.37 18.89
N LYS B 78 38.42 -8.47 18.41
CA LYS B 78 37.08 -8.47 17.83
C LYS B 78 36.11 -9.11 18.81
N LEU B 79 35.04 -8.38 19.11
CA LEU B 79 34.05 -8.84 20.08
C LEU B 79 32.67 -8.94 19.45
N THR B 80 32.29 -10.16 19.11
CA THR B 80 31.00 -10.42 18.51
C THR B 80 30.12 -11.10 19.55
N GLY B 81 29.12 -10.37 20.04
CA GLY B 81 28.24 -10.87 21.07
C GLY B 81 29.02 -11.11 22.36
N GLY B 82 29.48 -12.34 22.55
CA GLY B 82 30.23 -12.69 23.74
C GLY B 82 31.62 -13.22 23.42
N SER B 83 31.88 -13.48 22.14
CA SER B 83 33.15 -14.07 21.72
C SER B 83 34.25 -13.03 21.58
N VAL B 84 35.43 -13.32 22.13
CA VAL B 84 36.55 -12.39 22.04
C VAL B 84 37.66 -13.00 21.20
N ILE B 85 38.01 -12.30 20.13
CA ILE B 85 38.93 -12.82 19.13
C ILE B 85 40.11 -11.90 19.04
N LYS B 86 41.29 -12.42 19.37
CA LYS B 86 42.51 -11.63 19.29
C LYS B 86 43.25 -12.00 18.01
N GLN B 87 43.69 -10.98 17.29
CA GLN B 87 44.48 -11.19 16.09
C GLN B 87 45.35 -9.97 15.80
N ALA B 88 46.35 -10.12 14.95
CA ALA B 88 47.25 -9.00 14.65
C ALA B 88 46.50 -7.77 14.18
N CYS B 89 47.04 -6.61 14.51
CA CYS B 89 46.45 -5.32 14.13
C CYS B 89 47.56 -4.36 13.67
N PRO B 90 48.24 -4.67 12.57
CA PRO B 90 49.28 -3.80 12.02
C PRO B 90 48.74 -2.53 11.38
N LYS B 91 49.35 -1.39 11.66
CA LYS B 91 48.94 -0.15 11.01
C LYS B 91 49.29 -0.21 9.53
N ILE B 92 48.37 0.17 8.64
CA ILE B 92 48.62 0.10 7.19
C ILE B 92 48.33 1.42 6.49
N SER B 93 48.86 1.58 5.28
CA SER B 93 48.50 2.71 4.43
C SER B 93 47.19 2.48 3.68
N PHE B 94 46.22 3.38 3.85
CA PHE B 94 44.82 3.12 3.50
C PHE B 94 44.20 4.28 2.75
N ASP B 95 44.31 4.28 1.42
CA ASP B 95 43.67 5.29 0.59
C ASP B 95 42.88 4.64 -0.55
N PRO B 96 41.54 4.68 -0.48
CA PRO B 96 40.68 3.97 -1.44
C PRO B 96 40.98 4.29 -2.90
N ILE B 97 41.08 3.25 -3.74
CA ILE B 97 41.22 3.44 -5.18
C ILE B 97 39.90 3.14 -5.90
N PRO B 98 39.76 3.64 -7.13
CA PRO B 98 38.54 3.41 -7.90
C PRO B 98 38.39 1.96 -8.30
N ILE B 99 37.18 1.44 -8.21
CA ILE B 99 36.89 0.07 -8.62
C ILE B 99 35.80 0.07 -9.67
N HIS B 100 36.11 -0.52 -10.83
CA HIS B 100 35.16 -0.68 -11.90
C HIS B 100 34.47 -2.03 -11.75
N TYR B 101 33.14 -2.05 -11.86
CA TYR B 101 32.42 -3.33 -11.81
C TYR B 101 32.02 -3.75 -13.21
N CYS B 102 32.40 -4.96 -13.60
CA CYS B 102 32.22 -5.42 -14.97
C CYS B 102 31.33 -6.66 -15.07
N THR B 103 30.71 -6.87 -16.23
CA THR B 103 29.87 -8.03 -16.41
C THR B 103 30.55 -9.11 -17.23
N PRO B 104 30.24 -10.38 -16.92
CA PRO B 104 30.81 -11.49 -17.67
C PRO B 104 30.23 -11.56 -19.07
N ALA B 105 30.71 -12.50 -19.87
CA ALA B 105 30.18 -12.69 -21.21
C ALA B 105 28.72 -13.07 -21.11
N GLY B 106 27.94 -12.65 -22.09
CA GLY B 106 26.54 -12.98 -22.13
C GLY B 106 25.70 -11.91 -21.47
N TYR B 107 26.37 -11.05 -20.72
CA TYR B 107 25.70 -10.01 -19.98
C TYR B 107 26.31 -8.68 -20.35
N VAL B 108 25.59 -7.61 -20.04
CA VAL B 108 26.10 -6.28 -20.29
C VAL B 108 25.44 -5.32 -19.32
N ILE B 109 26.05 -4.16 -19.13
CA ILE B 109 25.53 -3.15 -18.21
C ILE B 109 24.85 -2.01 -18.97
N LEU B 110 23.66 -1.64 -18.52
CA LEU B 110 22.94 -0.50 -19.07
C LEU B 110 23.16 0.69 -18.16
N LYS B 111 23.53 1.81 -18.78
CA LYS B 111 23.85 3.02 -18.04
C LYS B 111 22.91 4.14 -18.44
N CYS B 112 22.13 4.63 -17.47
CA CYS B 112 21.23 5.74 -17.68
C CYS B 112 22.01 7.04 -17.73
N ASN B 113 21.83 7.81 -18.80
CA ASN B 113 22.53 9.07 -18.95
C ASN B 113 21.66 10.30 -18.78
N ASP B 114 20.44 10.12 -18.28
CA ASP B 114 19.53 11.24 -18.04
C ASP B 114 20.17 12.17 -17.03
N LYS B 115 20.06 13.48 -17.24
CA LYS B 115 20.80 14.45 -16.44
C LYS B 115 20.36 14.57 -14.98
N ASN B 116 19.06 14.48 -14.72
CA ASN B 116 18.58 14.56 -13.33
C ASN B 116 17.73 13.31 -13.20
N PHE B 117 18.40 12.16 -13.16
CA PHE B 117 17.72 10.90 -12.94
C PHE B 117 17.69 10.56 -11.46
N ASN B 118 16.49 10.35 -10.91
CA ASN B 118 16.35 10.08 -9.48
C ASN B 118 16.52 8.60 -9.15
N GLY B 119 16.93 7.82 -10.15
CA GLY B 119 17.26 6.43 -9.90
C GLY B 119 16.15 5.45 -10.17
N THR B 120 14.91 5.91 -10.08
CA THR B 120 13.76 5.06 -10.33
C THR B 120 12.81 5.63 -11.37
N GLY B 121 12.46 4.79 -12.34
CA GLY B 121 11.59 5.16 -13.44
C GLY B 121 12.30 4.96 -14.76
N PRO B 122 11.65 5.39 -15.86
CA PRO B 122 12.20 5.18 -17.20
C PRO B 122 13.37 6.13 -17.52
N CYS B 123 14.34 5.67 -18.30
CA CYS B 123 15.50 6.47 -18.70
C CYS B 123 15.43 6.64 -20.21
N LYS B 124 15.24 7.88 -20.65
CA LYS B 124 15.10 8.16 -22.08
C LYS B 124 16.46 8.17 -22.78
N ASN B 125 17.51 8.09 -21.97
CA ASN B 125 18.87 8.11 -22.50
C ASN B 125 19.71 6.93 -22.02
N VAL B 126 19.48 5.75 -22.60
CA VAL B 126 20.16 4.55 -22.12
C VAL B 126 21.43 4.27 -22.90
N SER B 127 22.50 3.95 -22.18
CA SER B 127 23.76 3.57 -22.82
C SER B 127 24.23 2.20 -22.39
N SER B 128 25.20 1.65 -23.11
CA SER B 128 25.68 0.29 -22.80
C SER B 128 27.17 0.27 -22.65
N VAL B 129 27.63 -0.31 -21.54
CA VAL B 129 29.04 -0.38 -21.18
C VAL B 129 29.39 -1.74 -20.63
N GLN B 130 30.67 -2.10 -20.65
CA GLN B 130 31.12 -3.41 -20.21
C GLN B 130 31.46 -3.36 -18.73
N CYS B 131 31.79 -2.16 -18.27
CA CYS B 131 32.12 -1.91 -16.88
C CYS B 131 31.51 -0.57 -16.41
N THR B 132 31.34 -0.44 -15.11
CA THR B 132 30.92 0.83 -14.51
C THR B 132 32.13 1.73 -14.41
N HIS B 133 31.88 2.97 -14.01
CA HIS B 133 32.95 3.93 -13.80
C HIS B 133 33.73 3.56 -12.55
N GLY B 134 34.83 4.27 -12.32
CA GLY B 134 35.67 4.00 -11.19
C GLY B 134 35.04 4.51 -9.90
N ILE B 135 34.55 3.58 -9.10
CA ILE B 135 33.92 3.89 -7.83
C ILE B 135 34.86 3.65 -6.65
N LYS B 136 35.16 4.70 -5.88
CA LYS B 136 35.96 4.54 -4.67
C LYS B 136 35.06 3.91 -3.64
N PRO B 137 35.54 2.89 -2.96
CA PRO B 137 34.79 2.23 -1.88
C PRO B 137 34.88 3.01 -0.58
N VAL B 138 34.56 4.30 -0.63
CA VAL B 138 34.67 5.13 0.55
C VAL B 138 33.53 4.82 1.50
N VAL B 139 33.87 4.34 2.70
CA VAL B 139 32.90 4.06 3.74
C VAL B 139 32.72 5.24 4.70
N SER B 140 31.54 5.86 4.70
CA SER B 140 31.32 7.04 5.56
C SER B 140 29.91 7.06 6.12
N THR B 141 29.62 8.05 6.97
CA THR B 141 28.24 8.27 7.47
C THR B 141 27.93 9.73 7.62
N GLN B 142 26.66 10.06 7.36
CA GLN B 142 26.17 11.43 7.32
C GLN B 142 26.66 12.14 6.03
N LEU B 143 27.96 12.15 5.77
CA LEU B 143 28.48 12.82 4.56
C LEU B 143 29.10 11.83 3.57
N LEU B 144 28.58 11.81 2.35
CA LEU B 144 29.18 11.02 1.30
C LEU B 144 30.41 11.75 0.81
N LEU B 145 31.58 11.10 0.91
CA LEU B 145 32.84 11.73 0.53
C LEU B 145 33.46 11.12 -0.70
N ASN B 146 34.03 11.99 -1.55
CA ASN B 146 34.79 11.58 -2.72
C ASN B 146 33.96 10.82 -3.75
N GLY B 147 32.65 11.02 -3.70
CA GLY B 147 31.76 10.39 -4.67
C GLY B 147 31.64 11.17 -5.97
N SER B 148 30.77 10.70 -6.85
CA SER B 148 30.47 11.41 -8.09
C SER B 148 29.50 12.57 -7.87
N LEU B 149 29.75 13.70 -8.53
CA LEU B 149 28.89 14.87 -8.40
C LEU B 149 27.77 14.86 -9.43
N ALA B 150 26.61 15.35 -9.04
CA ALA B 150 25.50 15.53 -9.97
C ALA B 150 25.89 16.56 -11.00
N GLU B 151 25.41 16.38 -12.24
CA GLU B 151 25.78 17.28 -13.32
C GLU B 151 25.16 18.64 -13.00
N GLU B 152 23.83 18.70 -13.00
CA GLU B 152 23.11 19.96 -13.06
C GLU B 152 22.21 20.38 -11.88
N GLU B 153 21.58 19.42 -11.20
CA GLU B 153 20.73 19.72 -10.05
C GLU B 153 21.12 18.94 -8.80
N ILE B 154 20.74 19.47 -7.64
CA ILE B 154 20.77 18.67 -6.43
C ILE B 154 19.71 17.59 -6.66
N ILE B 155 20.08 16.31 -6.52
CA ILE B 155 19.13 15.22 -6.72
C ILE B 155 18.73 14.61 -5.38
N ILE B 156 17.46 14.27 -5.25
CA ILE B 156 16.93 13.66 -4.03
C ILE B 156 16.42 12.28 -4.34
N ARG B 157 17.05 11.30 -3.73
CA ARG B 157 16.74 9.90 -3.98
C ARG B 157 16.38 9.27 -2.66
N SER B 158 15.28 8.54 -2.65
CA SER B 158 14.85 7.74 -1.54
C SER B 158 14.09 6.53 -2.04
N GLU B 159 14.24 5.40 -1.36
CA GLU B 159 13.46 4.21 -1.70
C GLU B 159 11.98 4.54 -1.57
N ASN B 160 11.67 5.37 -0.56
CA ASN B 160 10.31 5.77 -0.28
C ASN B 160 10.22 7.07 0.52
N LEU B 161 9.99 8.20 -0.16
CA LEU B 161 9.95 9.49 0.51
C LEU B 161 8.87 9.57 1.58
N THR B 162 7.83 8.78 1.43
CA THR B 162 6.75 8.77 2.40
C THR B 162 7.22 8.10 3.69
N ASN B 163 7.93 6.99 3.54
CA ASN B 163 8.47 6.27 4.71
C ASN B 163 9.66 7.01 5.31
N ASN B 164 9.43 7.65 6.45
CA ASN B 164 10.44 8.43 7.12
C ASN B 164 11.67 7.60 7.50
N ALA B 165 11.44 6.30 7.74
CA ALA B 165 12.51 5.37 8.10
C ALA B 165 13.46 5.12 6.93
N LYS B 166 12.99 5.32 5.71
CA LYS B 166 13.84 5.16 4.53
C LYS B 166 14.77 6.34 4.36
N THR B 167 16.05 6.02 4.21
CA THR B 167 17.12 6.99 4.09
C THR B 167 16.94 7.89 2.88
N ILE B 168 17.40 9.13 3.02
CA ILE B 168 17.36 10.10 1.93
C ILE B 168 18.77 10.43 1.44
N ILE B 169 19.06 10.05 0.21
CA ILE B 169 20.35 10.38 -0.43
C ILE B 169 20.25 11.76 -1.04
N VAL B 170 21.23 12.60 -0.78
CA VAL B 170 21.30 13.93 -1.38
C VAL B 170 22.52 14.02 -2.27
N HIS B 171 22.27 13.99 -3.57
CA HIS B 171 23.35 14.09 -4.54
C HIS B 171 23.59 15.57 -4.85
N LEU B 172 24.79 16.06 -4.56
CA LEU B 172 25.11 17.47 -4.77
C LEU B 172 25.75 17.70 -6.14
N GLN B 173 25.67 18.94 -6.62
CA GLN B 173 26.27 19.31 -7.90
C GLN B 173 27.64 19.94 -7.70
N LYS B 174 27.79 20.64 -6.58
CA LYS B 174 29.06 21.25 -6.22
C LYS B 174 29.56 20.63 -4.93
N SER B 175 30.82 20.22 -4.92
CA SER B 175 31.41 19.61 -3.72
C SER B 175 31.71 20.66 -2.68
N VAL B 176 31.67 20.25 -1.42
CA VAL B 176 32.04 21.11 -0.29
C VAL B 176 33.27 20.51 0.39
N GLU B 177 34.40 21.18 0.25
CA GLU B 177 35.66 20.65 0.74
C GLU B 177 35.66 20.54 2.27
N ILE B 178 36.08 19.38 2.78
CA ILE B 178 36.18 19.15 4.23
C ILE B 178 37.59 18.68 4.57
N ASN B 179 38.28 19.48 5.38
CA ASN B 179 39.69 19.25 5.63
C ASN B 179 39.87 18.83 7.09
N CYS B 180 39.99 17.51 7.27
CA CYS B 180 40.02 16.92 8.61
C CYS B 180 41.45 16.61 8.98
N THR B 181 41.82 16.96 10.21
CA THR B 181 43.21 16.84 10.63
C THR B 181 43.37 16.48 12.09
N ARG B 182 44.29 15.55 12.33
CA ARG B 182 44.80 15.26 13.67
C ARG B 182 46.21 15.80 13.73
N PRO B 183 46.44 16.88 14.48
CA PRO B 183 47.74 17.56 14.57
C PRO B 183 48.86 16.66 15.04
N SER B 184 50.07 16.98 14.60
CA SER B 184 51.26 16.27 15.07
C SER B 184 51.76 16.92 16.33
N ASN B 185 51.79 16.15 17.41
CA ASN B 185 52.26 16.66 18.69
C ASN B 185 51.46 17.89 19.15
N ASP B 193 46.00 15.02 23.94
CA ASP B 193 45.09 13.98 23.46
C ASP B 193 45.42 13.61 22.02
N ILE B 194 46.17 12.53 21.86
CA ILE B 194 46.45 12.02 20.51
C ILE B 194 45.17 11.64 19.79
N ARG B 195 44.10 11.48 20.55
CA ARG B 195 42.84 10.99 20.05
C ARG B 195 41.95 12.15 19.61
N LYS B 196 42.49 13.37 19.63
CA LYS B 196 41.71 14.59 19.36
C LYS B 196 42.04 15.16 17.98
N ALA B 197 41.01 15.49 17.21
CA ALA B 197 41.23 16.05 15.89
C ALA B 197 40.11 17.00 15.54
N TYR B 198 40.14 17.49 14.30
CA TYR B 198 39.13 18.45 13.86
C TYR B 198 38.97 18.49 12.34
N CYS B 199 37.76 18.81 11.88
CA CYS B 199 37.51 18.95 10.44
C CYS B 199 37.12 20.38 10.12
N GLU B 200 37.85 20.97 9.19
CA GLU B 200 37.59 22.34 8.78
C GLU B 200 36.75 22.38 7.51
N ILE B 201 35.74 23.23 7.53
CA ILE B 201 34.84 23.39 6.39
C ILE B 201 34.56 24.87 6.17
N GLN B 202 34.74 25.34 4.94
CA GLN B 202 34.46 26.72 4.63
C GLN B 202 32.96 26.99 4.76
N GLY B 203 32.59 27.73 5.81
CA GLY B 203 31.20 27.96 6.16
C GLY B 203 30.38 28.56 5.03
N THR B 204 31.05 29.37 4.21
CA THR B 204 30.38 29.99 3.09
C THR B 204 29.74 28.97 2.17
N LYS B 205 30.59 28.09 1.62
CA LYS B 205 30.15 27.07 0.67
C LYS B 205 29.08 26.17 1.25
N TRP B 206 29.29 25.71 2.48
CA TRP B 206 28.36 24.81 3.13
C TRP B 206 26.97 25.44 3.27
N ASN B 207 26.94 26.67 3.76
CA ASN B 207 25.69 27.37 3.95
C ASN B 207 24.96 27.51 2.62
N LYS B 208 25.71 27.87 1.59
CA LYS B 208 25.15 28.06 0.26
C LYS B 208 24.53 26.75 -0.21
N VAL B 209 25.34 25.70 -0.16
CA VAL B 209 24.89 24.39 -0.61
C VAL B 209 23.69 23.96 0.21
N LEU B 210 23.75 24.25 1.50
CA LEU B 210 22.72 23.78 2.40
C LEU B 210 21.40 24.46 2.08
N LYS B 211 21.45 25.71 1.60
CA LYS B 211 20.22 26.39 1.20
C LYS B 211 19.67 25.71 -0.06
N GLN B 212 20.55 25.39 -1.00
CA GLN B 212 20.07 24.81 -2.26
C GLN B 212 19.38 23.48 -2.04
N VAL B 213 19.79 22.76 -1.01
CA VAL B 213 19.21 21.45 -0.74
C VAL B 213 17.90 21.62 0.02
N THR B 214 17.77 22.72 0.74
CA THR B 214 16.47 23.02 1.39
C THR B 214 15.40 23.20 0.32
N GLU B 215 15.76 23.96 -0.72
CA GLU B 215 14.84 24.23 -1.81
C GLU B 215 14.39 22.93 -2.45
N LYS B 216 15.34 22.03 -2.68
CA LYS B 216 15.05 20.78 -3.35
C LYS B 216 14.23 19.85 -2.48
N LEU B 217 14.47 19.92 -1.18
CA LEU B 217 13.65 19.21 -0.23
C LEU B 217 12.25 19.79 -0.26
N LYS B 218 12.13 21.11 -0.35
CA LYS B 218 10.81 21.76 -0.37
C LYS B 218 9.97 21.20 -1.51
N GLU B 219 10.60 21.06 -2.68
CA GLU B 219 9.88 20.65 -3.88
C GLU B 219 9.49 19.15 -3.83
N HIS B 220 10.02 18.44 -2.85
CA HIS B 220 9.70 17.02 -2.68
C HIS B 220 8.75 16.85 -1.50
N PHE B 221 8.66 17.89 -0.69
CA PHE B 221 7.86 17.86 0.55
C PHE B 221 7.05 19.14 0.58
N ASN B 222 6.13 19.32 -0.39
CA ASN B 222 5.00 20.25 -0.30
C ASN B 222 5.31 21.69 0.16
N ASN B 223 6.40 22.27 -0.33
CA ASN B 223 6.89 23.58 0.13
C ASN B 223 6.82 23.79 1.64
N LYS B 224 6.89 22.72 2.42
CA LYS B 224 6.88 22.86 3.88
C LYS B 224 8.16 23.53 4.29
N THR B 225 8.21 24.00 5.53
CA THR B 225 9.42 24.61 6.06
C THR B 225 10.43 23.53 6.45
N ILE B 226 11.63 23.66 5.90
CA ILE B 226 12.68 22.67 6.11
C ILE B 226 13.56 23.01 7.30
N ILE B 227 13.53 22.13 8.31
CA ILE B 227 14.34 22.31 9.51
C ILE B 227 15.42 21.24 9.57
N PHE B 228 16.64 21.64 9.93
CA PHE B 228 17.75 20.70 10.12
C PHE B 228 18.08 20.54 11.60
N GLN B 229 18.32 19.29 11.99
CA GLN B 229 18.66 18.98 13.37
C GLN B 229 19.74 17.90 13.49
N PRO B 230 20.48 17.91 14.61
CA PRO B 230 21.36 16.78 14.87
C PRO B 230 20.57 15.50 15.09
N PRO B 231 21.17 14.33 14.82
CA PRO B 231 20.47 13.06 15.00
C PRO B 231 19.91 12.90 16.41
N SER B 232 18.68 12.42 16.51
CA SER B 232 18.00 12.32 17.80
C SER B 232 18.66 11.32 18.72
N GLY B 233 19.45 10.41 18.16
CA GLY B 233 20.14 9.41 18.99
C GLY B 233 20.57 8.15 18.25
N GLY B 234 21.27 7.29 18.98
CA GLY B 234 21.77 6.05 18.42
C GLY B 234 23.28 5.93 18.60
N ASP B 235 23.89 5.02 17.84
CA ASP B 235 25.32 4.79 17.95
C ASP B 235 26.17 5.99 17.51
N LEU B 236 27.39 6.11 18.02
CA LEU B 236 28.25 7.24 17.70
C LEU B 236 28.59 7.24 16.23
N GLU B 237 28.65 6.04 15.66
CA GLU B 237 28.96 5.92 14.23
C GLU B 237 27.86 6.56 13.40
N ILE B 238 26.69 6.72 14.01
CA ILE B 238 25.53 7.24 13.32
C ILE B 238 25.27 8.68 13.73
N THR B 239 25.43 8.96 15.01
CA THR B 239 25.17 10.30 15.52
C THR B 239 26.28 11.27 15.14
N MET B 240 27.41 10.75 14.64
CA MET B 240 28.55 11.56 14.23
C MET B 240 28.95 11.19 12.81
N HIS B 241 29.64 12.10 12.14
CA HIS B 241 30.20 11.85 10.81
C HIS B 241 31.38 10.91 10.95
N HIS B 242 31.17 9.65 10.61
CA HIS B 242 32.16 8.62 10.83
C HIS B 242 32.84 8.26 9.52
N PHE B 243 34.16 8.10 9.55
CA PHE B 243 34.91 7.78 8.34
C PHE B 243 36.33 7.34 8.68
N ASN B 244 36.96 6.59 7.79
CA ASN B 244 38.30 6.08 8.06
C ASN B 244 39.34 6.92 7.33
N CYS B 245 40.35 7.37 8.08
CA CYS B 245 41.41 8.17 7.49
C CYS B 245 42.74 7.56 7.84
N ARG B 246 43.49 7.08 6.84
CA ARG B 246 44.83 6.51 7.08
C ARG B 246 44.78 5.29 7.99
N GLY B 247 43.63 4.63 8.06
CA GLY B 247 43.48 3.44 8.90
C GLY B 247 42.88 3.76 10.25
N GLU B 248 42.89 5.04 10.62
CA GLU B 248 42.33 5.50 11.87
C GLU B 248 40.85 5.83 11.69
N PHE B 249 40.04 5.49 12.68
CA PHE B 249 38.60 5.70 12.60
C PHE B 249 38.20 7.04 13.22
N PHE B 250 37.86 8.00 12.36
CA PHE B 250 37.52 9.35 12.80
C PHE B 250 36.06 9.43 13.18
N TYR B 251 35.79 10.27 14.17
CA TYR B 251 34.44 10.61 14.56
C TYR B 251 34.32 12.11 14.71
N CYS B 252 33.60 12.72 13.78
CA CYS B 252 33.37 14.16 13.78
C CYS B 252 31.97 14.52 14.24
N ASN B 253 31.90 15.57 15.05
CA ASN B 253 30.65 16.04 15.60
C ASN B 253 30.08 17.09 14.66
N THR B 254 29.00 16.73 13.96
CA THR B 254 28.48 17.59 12.90
C THR B 254 27.28 18.43 13.35
N THR B 255 27.21 18.72 14.65
CA THR B 255 26.08 19.49 15.17
C THR B 255 25.94 20.84 14.47
N GLN B 256 27.06 21.55 14.33
CA GLN B 256 27.08 22.84 13.68
C GLN B 256 26.57 22.77 12.25
N LEU B 257 26.98 21.75 11.53
CA LEU B 257 26.65 21.65 10.11
C LEU B 257 25.15 21.56 9.84
N PHE B 258 24.38 21.04 10.80
CA PHE B 258 22.95 20.75 10.57
C PHE B 258 22.01 21.50 11.51
N GLN B 259 21.89 22.80 11.24
CA GLN B 259 20.99 23.67 11.98
C GLN B 259 20.77 24.93 11.15
N ASN B 260 19.56 25.49 11.21
CA ASN B 260 19.18 26.61 10.33
C ASN B 260 19.66 27.90 10.99
N THR B 261 20.97 28.10 11.04
CA THR B 261 21.54 29.35 11.54
C THR B 261 21.78 30.32 10.40
N CYS B 262 21.64 29.84 9.16
CA CYS B 262 21.85 30.70 8.00
C CYS B 262 20.78 30.48 6.92
N GLY B 270 27.13 36.42 11.13
CA GLY B 270 28.56 36.17 11.06
C GLY B 270 28.85 34.71 10.72
N CYS B 271 28.10 34.17 9.75
CA CYS B 271 28.22 32.76 9.37
C CYS B 271 29.30 32.50 8.34
N ASN B 272 29.81 33.58 7.72
CA ASN B 272 30.94 33.50 6.79
C ASN B 272 32.19 32.87 7.38
N GLY B 273 32.17 32.64 8.69
CA GLY B 273 33.29 32.07 9.40
C GLY B 273 33.66 30.68 8.94
N THR B 274 34.83 30.23 9.40
CA THR B 274 35.29 28.87 9.20
C THR B 274 34.66 27.96 10.24
N ILE B 275 34.20 26.78 9.81
CA ILE B 275 33.58 25.85 10.75
C ILE B 275 34.59 24.78 11.16
N THR B 276 34.80 24.62 12.47
CA THR B 276 35.70 23.59 12.95
C THR B 276 34.92 22.53 13.71
N LEU B 277 34.79 21.35 13.08
CA LEU B 277 34.10 20.22 13.69
C LEU B 277 35.01 19.46 14.66
N PRO B 278 34.52 19.20 15.88
CA PRO B 278 35.26 18.39 16.87
C PRO B 278 35.33 16.93 16.47
N CYS B 279 36.51 16.49 16.05
CA CYS B 279 36.70 15.10 15.67
C CYS B 279 37.52 14.35 16.73
N LYS B 280 37.24 13.05 16.85
CA LYS B 280 37.99 12.15 17.71
C LYS B 280 38.41 10.91 16.94
N ILE B 281 39.64 10.44 17.16
CA ILE B 281 40.07 9.19 16.55
C ILE B 281 39.76 8.06 17.49
N LYS B 282 38.97 7.08 17.06
CA LYS B 282 38.62 5.98 17.96
C LYS B 282 39.35 4.71 17.61
N GLN B 283 39.60 3.90 18.63
CA GLN B 283 40.20 2.59 18.45
C GLN B 283 39.15 1.52 18.58
N ILE B 284 38.20 1.79 19.47
CA ILE B 284 37.08 0.90 19.71
C ILE B 284 35.86 1.37 18.92
N ILE B 285 35.39 0.54 17.99
CA ILE B 285 34.31 0.95 17.11
C ILE B 285 33.21 -0.09 17.04
N ASN B 286 32.07 0.31 16.47
CA ASN B 286 31.07 -0.62 16.03
C ASN B 286 31.31 -0.95 14.56
N MET B 287 31.34 -2.23 14.24
CA MET B 287 31.60 -2.61 12.88
C MET B 287 30.35 -2.39 12.02
N TRP B 288 30.54 -1.79 10.85
CA TRP B 288 29.45 -1.66 9.89
C TRP B 288 29.19 -2.97 9.15
N GLN B 289 30.26 -3.75 8.94
CA GLN B 289 30.20 -5.01 8.22
C GLN B 289 29.15 -5.96 8.75
N GLY B 290 28.84 -5.84 10.04
CA GLY B 290 27.90 -6.73 10.67
C GLY B 290 27.84 -6.52 12.17
N THR B 291 27.06 -7.35 12.86
CA THR B 291 26.92 -7.23 14.31
C THR B 291 28.22 -7.65 14.95
N GLY B 292 28.97 -6.68 15.42
CA GLY B 292 30.26 -6.97 16.03
C GLY B 292 31.02 -5.71 16.35
N GLN B 293 31.89 -5.79 17.35
CA GLN B 293 32.65 -4.64 17.82
C GLN B 293 34.12 -4.95 17.76
N ALA B 294 34.91 -3.93 17.40
CA ALA B 294 36.32 -4.11 17.12
C ALA B 294 37.15 -3.06 17.81
N MET B 295 38.33 -3.46 18.30
CA MET B 295 39.27 -2.53 18.90
C MET B 295 40.58 -2.55 18.15
N TYR B 296 41.02 -1.38 17.73
CA TYR B 296 42.32 -1.29 17.08
C TYR B 296 43.37 -0.53 17.93
N ALA B 297 44.61 -0.55 17.48
CA ALA B 297 45.68 0.01 18.26
C ALA B 297 45.57 1.53 18.19
N PRO B 298 46.22 2.24 19.14
CA PRO B 298 46.28 3.70 19.19
C PRO B 298 46.76 4.29 17.87
N PRO B 299 46.40 5.55 17.60
CA PRO B 299 46.69 6.18 16.31
C PRO B 299 48.17 6.33 16.02
N ILE B 300 48.51 6.39 14.74
CA ILE B 300 49.88 6.58 14.33
C ILE B 300 50.42 7.95 14.74
N ASP B 301 51.75 8.10 14.69
CA ASP B 301 52.39 9.37 15.04
C ASP B 301 52.40 10.31 13.85
N GLY B 302 52.59 11.60 14.13
CA GLY B 302 52.70 12.58 13.07
C GLY B 302 51.35 13.07 12.58
N LYS B 303 51.36 14.05 11.67
CA LYS B 303 50.13 14.65 11.20
C LYS B 303 49.30 13.61 10.44
N ILE B 304 48.00 13.60 10.71
CA ILE B 304 47.06 12.75 10.01
C ILE B 304 46.03 13.65 9.37
N ASN B 305 46.13 13.84 8.06
CA ASN B 305 45.24 14.76 7.34
C ASN B 305 44.57 14.11 6.15
N CYS B 306 43.25 14.14 6.16
CA CYS B 306 42.45 13.74 5.02
C CYS B 306 41.61 14.93 4.63
N VAL B 307 41.85 15.41 3.40
CA VAL B 307 41.01 16.45 2.80
C VAL B 307 40.11 15.84 1.74
N SER B 308 38.84 15.72 2.08
CA SER B 308 37.88 15.08 1.20
C SER B 308 36.90 16.08 0.63
N GLN B 309 36.23 15.68 -0.44
CA GLN B 309 35.19 16.50 -1.06
C GLN B 309 33.82 15.92 -0.72
N ILE B 310 33.03 16.69 0.03
CA ILE B 310 31.67 16.29 0.35
C ILE B 310 30.81 16.36 -0.92
N THR B 311 30.46 15.20 -1.46
CA THR B 311 29.76 15.13 -2.74
C THR B 311 28.33 14.69 -2.57
N GLY B 312 27.95 14.33 -1.35
CA GLY B 312 26.58 13.93 -1.08
C GLY B 312 26.25 13.96 0.41
N ILE B 313 24.97 13.99 0.75
CA ILE B 313 24.57 13.99 2.14
C ILE B 313 23.54 12.89 2.36
N LEU B 314 23.61 12.26 3.53
CA LEU B 314 22.64 11.26 3.95
C LEU B 314 21.77 11.85 5.05
N LEU B 315 20.46 11.95 4.75
CA LEU B 315 19.49 12.55 5.64
C LEU B 315 18.42 11.56 6.10
N THR B 316 17.60 11.99 7.06
CA THR B 316 16.49 11.21 7.55
C THR B 316 15.41 12.13 8.11
N ARG B 317 14.24 12.09 7.49
CA ARG B 317 13.13 12.96 7.83
C ARG B 317 12.36 12.41 9.03
N ASP B 318 11.97 13.29 9.94
CA ASP B 318 11.27 12.87 11.15
C ASP B 318 9.92 12.26 10.83
N GLY B 319 9.14 12.98 10.02
CA GLY B 319 7.83 12.50 9.61
C GLY B 319 6.88 12.33 10.76
N GLY B 320 6.70 13.40 11.53
CA GLY B 320 5.73 13.38 12.62
C GLY B 320 4.33 13.04 12.16
N ALA B 321 4.02 13.35 10.90
CA ALA B 321 2.72 13.00 10.31
C ALA B 321 1.57 13.52 11.15
N ASN B 322 1.83 14.56 11.92
CA ASN B 322 0.81 15.18 12.75
C ASN B 322 0.35 16.52 12.17
N ASN B 323 1.28 17.25 11.56
CA ASN B 323 0.98 18.58 11.03
C ASN B 323 1.86 18.96 9.84
N THR B 324 1.37 19.90 9.03
CA THR B 324 2.07 20.37 7.83
C THR B 324 2.81 21.68 8.08
N SER B 325 3.00 22.02 9.35
CA SER B 325 3.62 23.29 9.70
C SER B 325 5.09 23.34 9.26
N ASN B 326 5.75 22.19 9.29
CA ASN B 326 7.18 22.12 9.04
C ASN B 326 7.70 20.69 8.87
N GLU B 327 8.91 20.59 8.35
CA GLU B 327 9.60 19.30 8.21
C GLU B 327 11.00 19.37 8.75
N THR B 328 11.43 18.27 9.35
CA THR B 328 12.74 18.23 9.98
C THR B 328 13.58 17.08 9.45
N PHE B 329 14.82 17.42 9.12
CA PHE B 329 15.77 16.45 8.59
C PHE B 329 17.01 16.35 9.48
N ARG B 330 17.45 15.11 9.68
CA ARG B 330 18.63 14.81 10.48
C ARG B 330 19.54 13.86 9.69
N PRO B 331 20.86 13.97 9.88
CA PRO B 331 21.84 13.10 9.20
C PRO B 331 21.89 11.69 9.76
N GLY B 332 22.16 10.71 8.91
CA GLY B 332 22.34 9.34 9.40
C GLY B 332 23.16 8.52 8.44
N GLY B 333 22.66 7.32 8.14
CA GLY B 333 23.11 6.55 7.01
C GLY B 333 24.09 5.48 7.39
N GLY B 334 23.67 4.63 8.33
CA GLY B 334 24.54 3.54 8.75
C GLY B 334 24.62 2.43 7.73
N ASN B 335 23.63 2.37 6.84
CA ASN B 335 23.59 1.37 5.80
C ASN B 335 24.56 1.74 4.69
N ILE B 336 25.68 1.01 4.62
CA ILE B 336 26.72 1.30 3.64
C ILE B 336 26.26 0.90 2.23
N LYS B 337 25.27 0.02 2.14
CA LYS B 337 24.68 -0.25 0.84
C LYS B 337 24.07 1.02 0.28
N ASP B 338 23.72 1.98 1.12
CA ASP B 338 23.23 3.25 0.57
C ASP B 338 24.39 4.02 -0.06
N ASN B 339 25.60 3.85 0.45
CA ASN B 339 26.75 4.51 -0.17
C ASN B 339 27.04 3.95 -1.57
N TRP B 340 27.01 2.63 -1.69
CA TRP B 340 27.23 2.05 -3.00
C TRP B 340 26.02 2.44 -3.89
N ARG B 341 24.81 2.38 -3.33
CA ARG B 341 23.63 2.77 -4.10
C ARG B 341 23.78 4.18 -4.70
N SER B 342 24.36 5.10 -3.93
CA SER B 342 24.55 6.46 -4.41
C SER B 342 25.53 6.58 -5.58
N GLU B 343 26.27 5.52 -5.87
CA GLU B 343 27.20 5.55 -7.01
C GLU B 343 26.68 4.64 -8.16
N LEU B 344 25.92 3.62 -7.80
CA LEU B 344 25.51 2.61 -8.76
C LEU B 344 24.09 2.80 -9.28
N TYR B 345 23.49 3.96 -9.02
CA TYR B 345 22.09 4.17 -9.31
C TYR B 345 21.86 4.16 -10.81
N LYS B 346 22.86 4.58 -11.57
CA LYS B 346 22.70 4.70 -13.03
C LYS B 346 23.09 3.42 -13.78
N TYR B 347 23.12 2.29 -13.09
CA TYR B 347 23.58 1.04 -13.70
C TYR B 347 22.59 -0.08 -13.44
N LYS B 348 22.44 -0.94 -14.43
CA LYS B 348 21.69 -2.18 -14.25
C LYS B 348 22.36 -3.25 -15.08
N VAL B 349 22.26 -4.50 -14.63
CA VAL B 349 22.83 -5.64 -15.36
C VAL B 349 21.76 -6.42 -16.11
N VAL B 350 21.95 -6.57 -17.42
CA VAL B 350 20.99 -7.28 -18.25
C VAL B 350 21.67 -8.43 -19.02
N GLN B 351 20.89 -9.49 -19.25
CA GLN B 351 21.36 -10.67 -19.97
C GLN B 351 20.91 -10.55 -21.42
N ILE B 352 21.87 -10.61 -22.34
CA ILE B 352 21.62 -10.68 -23.79
C ILE B 352 21.29 -12.11 -24.22
N GLN C 1 0.93 -4.96 0.20
CA GLN C 1 1.18 -4.71 -1.22
C GLN C 1 0.41 -3.49 -1.70
N ILE C 2 0.17 -3.44 -3.00
CA ILE C 2 -0.59 -2.36 -3.61
C ILE C 2 -2.04 -2.42 -3.23
N HIS C 3 -2.57 -1.25 -2.91
CA HIS C 3 -3.96 -1.14 -2.60
C HIS C 3 -4.41 0.20 -3.06
N LEU C 4 -5.12 0.21 -4.18
CA LEU C 4 -5.64 1.44 -4.75
C LEU C 4 -6.93 1.86 -4.03
N VAL C 5 -6.87 2.98 -3.31
CA VAL C 5 -8.02 3.47 -2.55
C VAL C 5 -8.62 4.68 -3.23
N GLN C 6 -9.88 4.53 -3.64
CA GLN C 6 -10.57 5.57 -4.42
C GLN C 6 -11.52 6.40 -3.55
N SER C 7 -11.90 7.56 -4.08
CA SER C 7 -12.76 8.49 -3.35
C SER C 7 -14.18 7.94 -3.16
N GLY C 8 -15.00 8.70 -2.45
CA GLY C 8 -16.34 8.28 -2.14
C GLY C 8 -17.34 8.50 -3.28
N THR C 9 -18.53 7.96 -3.08
CA THR C 9 -19.62 8.07 -4.06
C THR C 9 -19.99 9.51 -4.41
N GLU C 10 -20.14 9.75 -5.69
CA GLU C 10 -20.51 11.09 -6.19
C GLU C 10 -21.89 11.06 -6.82
N VAL C 11 -22.79 11.89 -6.31
CA VAL C 11 -24.14 12.03 -6.88
C VAL C 11 -24.33 13.44 -7.44
N LYS C 12 -24.11 13.59 -8.74
CA LYS C 12 -24.09 14.89 -9.38
C LYS C 12 -25.16 15.03 -10.45
N LYS C 13 -25.50 16.27 -10.79
CA LYS C 13 -26.57 16.51 -11.74
C LYS C 13 -26.02 16.76 -13.14
N PRO C 14 -26.86 16.52 -14.17
CA PRO C 14 -26.46 16.65 -15.57
C PRO C 14 -25.74 17.95 -15.89
N GLY C 15 -24.76 17.89 -16.79
CA GLY C 15 -24.04 19.06 -17.22
C GLY C 15 -22.91 19.46 -16.30
N SER C 16 -22.90 18.92 -15.09
CA SER C 16 -21.89 19.28 -14.10
C SER C 16 -20.56 18.55 -14.33
N SER C 17 -19.58 18.85 -13.48
CA SER C 17 -18.26 18.22 -13.56
C SER C 17 -17.91 17.52 -12.25
N VAL C 18 -17.29 16.35 -12.37
CA VAL C 18 -16.89 15.55 -11.22
C VAL C 18 -15.41 15.14 -11.34
N THR C 19 -14.69 15.23 -10.23
CA THR C 19 -13.28 14.78 -10.19
C THR C 19 -13.13 13.73 -9.10
N VAL C 20 -12.68 12.55 -9.50
CA VAL C 20 -12.36 11.50 -8.53
C VAL C 20 -10.84 11.24 -8.47
N SER C 21 -10.41 10.61 -7.38
CA SER C 21 -8.98 10.44 -7.15
C SER C 21 -8.67 9.03 -6.67
N CYS C 22 -7.50 8.54 -7.08
CA CYS C 22 -7.02 7.22 -6.72
C CYS C 22 -5.67 7.27 -5.96
N LYS C 23 -5.69 6.81 -4.72
CA LYS C 23 -4.47 6.78 -3.91
C LYS C 23 -3.78 5.44 -4.06
N ALA C 24 -2.67 5.43 -4.79
CA ALA C 24 -2.01 4.17 -5.13
C ALA C 24 -0.97 3.80 -4.06
N TYR C 25 -1.49 3.27 -2.96
CA TYR C 25 -0.65 2.85 -1.87
C TYR C 25 0.17 1.65 -2.31
N GLY C 26 1.44 1.62 -1.93
CA GLY C 26 2.31 0.52 -2.25
C GLY C 26 2.98 0.67 -3.59
N VAL C 27 2.63 1.72 -4.31
CA VAL C 27 3.25 2.01 -5.61
C VAL C 27 4.47 2.89 -5.40
N ASN C 28 5.61 2.41 -5.90
CA ASN C 28 6.85 3.18 -5.88
C ASN C 28 6.87 4.42 -6.76
N THR C 29 6.35 4.32 -7.96
CA THR C 29 6.31 5.47 -8.84
C THR C 29 5.45 5.15 -10.07
N PHE C 30 4.76 6.15 -10.59
CA PHE C 30 3.92 5.95 -11.77
C PHE C 30 4.79 5.97 -13.00
N GLY C 31 6.10 6.08 -12.78
CA GLY C 31 7.06 5.91 -13.84
C GLY C 31 7.23 4.44 -14.18
N LEU C 32 6.89 3.55 -13.25
CA LEU C 32 6.98 2.10 -13.48
C LEU C 32 5.60 1.45 -13.44
N TYR C 33 4.65 2.19 -12.91
CA TYR C 33 3.28 1.73 -12.88
C TYR C 33 2.42 2.67 -13.71
N ALA C 34 1.81 2.13 -14.75
CA ALA C 34 0.83 2.86 -15.54
C ALA C 34 -0.53 2.80 -14.84
N VAL C 35 -1.27 3.91 -14.90
CA VAL C 35 -2.62 3.95 -14.34
C VAL C 35 -3.68 4.02 -15.44
N ASN C 36 -4.61 3.06 -15.41
CA ASN C 36 -5.70 3.03 -16.39
C ASN C 36 -7.04 3.17 -15.71
N TRP C 37 -7.87 4.07 -16.25
CA TRP C 37 -9.23 4.27 -15.73
C TRP C 37 -10.25 3.50 -16.57
N VAL C 38 -11.02 2.66 -15.89
CA VAL C 38 -12.04 1.84 -16.54
C VAL C 38 -13.38 1.94 -15.80
N ARG C 39 -14.45 2.28 -16.52
CA ARG C 39 -15.77 2.32 -15.88
C ARG C 39 -16.67 1.16 -16.29
N GLN C 40 -17.69 0.93 -15.45
CA GLN C 40 -18.68 -0.12 -15.67
C GLN C 40 -20.09 0.30 -15.30
N ALA C 41 -20.92 0.54 -16.32
CA ALA C 41 -22.30 0.92 -16.08
C ALA C 41 -23.02 -0.23 -15.39
N PRO C 42 -24.06 0.11 -14.60
CA PRO C 42 -24.79 -0.91 -13.83
C PRO C 42 -25.49 -1.90 -14.77
N GLY C 43 -25.14 -3.17 -14.62
CA GLY C 43 -25.66 -4.22 -15.46
C GLY C 43 -24.90 -4.37 -16.77
N GLN C 44 -23.84 -3.60 -16.94
CA GLN C 44 -23.08 -3.61 -18.19
C GLN C 44 -21.66 -4.14 -17.99
N SER C 45 -20.92 -4.19 -19.09
CA SER C 45 -19.53 -4.62 -19.06
C SER C 45 -18.64 -3.42 -18.80
N LEU C 46 -17.33 -3.65 -18.86
CA LEU C 46 -16.33 -2.65 -18.53
C LEU C 46 -15.91 -1.86 -19.78
N GLU C 47 -15.76 -0.54 -19.64
CA GLU C 47 -15.28 0.29 -20.76
C GLU C 47 -14.09 1.17 -20.36
N TYR C 48 -13.02 1.07 -21.13
CA TYR C 48 -11.79 1.79 -20.85
C TYR C 48 -11.96 3.28 -21.12
N ILE C 49 -11.66 4.10 -20.13
CA ILE C 49 -11.82 5.55 -20.23
C ILE C 49 -10.53 6.22 -20.74
N GLY C 50 -9.44 5.97 -20.04
CA GLY C 50 -8.17 6.58 -20.38
C GLY C 50 -7.04 6.14 -19.46
N GLN C 51 -5.91 6.83 -19.56
CA GLN C 51 -4.72 6.40 -18.81
C GLN C 51 -3.72 7.52 -18.63
N ILE C 52 -2.74 7.23 -17.80
CA ILE C 52 -1.54 8.05 -17.72
C ILE C 52 -0.34 7.09 -17.62
N TRP C 53 0.62 7.27 -18.51
CA TRP C 53 1.78 6.37 -18.66
C TRP C 53 3.02 7.14 -19.06
N ARG C 54 4.09 6.97 -18.31
CA ARG C 54 5.31 7.76 -18.48
C ARG C 54 4.98 9.23 -18.31
N TRP C 55 4.06 9.52 -17.39
CA TRP C 55 3.60 10.88 -17.13
C TRP C 55 2.97 11.57 -18.35
N LYS C 56 2.47 10.78 -19.29
CA LYS C 56 1.76 11.29 -20.47
C LYS C 56 0.29 10.88 -20.43
N SER C 57 -0.59 11.87 -20.30
CA SER C 57 -2.03 11.64 -20.22
C SER C 57 -2.64 11.21 -21.55
N SER C 58 -3.70 10.41 -21.47
CA SER C 58 -4.41 9.97 -22.66
C SER C 58 -5.82 9.50 -22.30
N ALA C 59 -6.72 9.51 -23.28
CA ALA C 59 -8.07 8.99 -23.09
C ALA C 59 -8.59 8.35 -24.36
N SER C 60 -9.50 7.40 -24.20
CA SER C 60 -10.16 6.79 -25.35
C SER C 60 -10.82 7.88 -26.18
N HIS C 61 -10.88 7.70 -27.49
CA HIS C 61 -11.45 8.72 -28.35
C HIS C 61 -12.92 8.98 -27.96
N HIS C 62 -13.50 8.00 -27.28
CA HIS C 62 -14.86 8.12 -26.76
C HIS C 62 -15.00 9.24 -25.74
N PHE C 63 -13.89 9.66 -25.14
CA PHE C 63 -13.92 10.63 -24.05
C PHE C 63 -13.05 11.85 -24.30
N ARG C 64 -12.64 12.06 -25.55
CA ARG C 64 -11.78 13.18 -25.88
C ARG C 64 -12.38 14.50 -25.41
N GLY C 65 -11.58 15.25 -24.65
CA GLY C 65 -11.97 16.59 -24.24
C GLY C 65 -12.94 16.62 -23.08
N ARG C 66 -13.66 15.52 -22.85
CA ARG C 66 -14.60 15.45 -21.74
C ARG C 66 -13.89 14.95 -20.50
N VAL C 67 -12.81 14.22 -20.71
CA VAL C 67 -12.08 13.58 -19.63
C VAL C 67 -10.73 14.23 -19.43
N LEU C 68 -10.34 14.34 -18.16
CA LEU C 68 -9.01 14.84 -17.78
C LEU C 68 -8.35 13.86 -16.78
N ILE C 69 -7.28 13.22 -17.20
CA ILE C 69 -6.57 12.27 -16.34
C ILE C 69 -5.20 12.79 -15.96
N SER C 70 -5.01 13.06 -14.67
CA SER C 70 -3.73 13.56 -14.17
C SER C 70 -3.18 12.72 -13.01
N ALA C 71 -1.89 12.87 -12.74
CA ALA C 71 -1.27 12.12 -11.64
C ALA C 71 0.00 12.80 -11.13
N VAL C 72 0.19 12.71 -9.82
CA VAL C 72 1.38 13.24 -9.17
C VAL C 72 2.11 12.08 -8.48
N ASP C 73 3.42 12.19 -8.39
CA ASP C 73 4.21 11.10 -7.87
C ASP C 73 4.26 11.10 -6.35
N LEU C 74 4.91 10.08 -5.80
CA LEU C 74 5.07 9.92 -4.36
C LEU C 74 5.69 11.13 -3.65
N THR C 75 5.10 11.50 -2.52
CA THR C 75 5.60 12.62 -1.73
C THR C 75 5.83 12.14 -0.29
N GLY C 76 6.32 13.03 0.57
CA GLY C 76 6.57 12.66 1.95
C GLY C 76 5.31 12.52 2.78
N SER C 77 4.25 13.17 2.33
CA SER C 77 2.98 13.17 3.04
C SER C 77 1.95 12.19 2.47
N SER C 78 2.13 11.74 1.22
CA SER C 78 1.11 10.90 0.56
C SER C 78 1.66 9.97 -0.51
N PRO C 79 0.92 8.88 -0.81
CA PRO C 79 1.32 7.98 -1.90
C PRO C 79 1.15 8.64 -3.26
N PRO C 80 1.50 7.95 -4.35
CA PRO C 80 1.20 8.44 -5.69
C PRO C 80 -0.30 8.58 -5.88
N ILE C 81 -0.71 9.72 -6.43
CA ILE C 81 -2.11 9.99 -6.65
C ILE C 81 -2.41 10.16 -8.13
N SER C 82 -3.46 9.49 -8.57
CA SER C 82 -4.06 9.72 -9.89
C SER C 82 -5.44 10.31 -9.73
N SER C 83 -5.90 11.03 -10.74
CA SER C 83 -7.19 11.71 -10.66
C SER C 83 -7.86 11.71 -12.03
N LEU C 84 -9.18 11.47 -12.02
CA LEU C 84 -10.01 11.54 -13.22
C LEU C 84 -11.07 12.62 -13.05
N GLU C 85 -11.13 13.55 -14.01
CA GLU C 85 -12.12 14.61 -14.03
C GLU C 85 -12.97 14.43 -15.27
N ILE C 86 -14.29 14.64 -15.13
CA ILE C 86 -15.25 14.46 -16.22
C ILE C 86 -16.22 15.63 -16.27
N LYS C 87 -16.29 16.28 -17.43
CA LYS C 87 -17.16 17.45 -17.62
C LYS C 87 -18.35 17.08 -18.48
N ASN C 88 -19.41 17.90 -18.44
CA ASN C 88 -20.63 17.66 -19.19
C ASN C 88 -21.17 16.27 -18.88
N LEU C 89 -21.32 16.00 -17.58
CA LEU C 89 -21.87 14.73 -17.11
C LEU C 89 -23.28 14.46 -17.63
N THR C 90 -23.53 13.22 -17.99
CA THR C 90 -24.85 12.80 -18.46
C THR C 90 -25.33 11.61 -17.67
N SER C 91 -26.55 11.18 -17.94
CA SER C 91 -27.10 9.97 -17.35
C SER C 91 -26.39 8.72 -17.87
N ASP C 92 -25.66 8.86 -18.98
CA ASP C 92 -24.94 7.73 -19.54
C ASP C 92 -23.52 7.65 -18.96
N ASP C 93 -23.24 8.51 -18.00
CA ASP C 93 -22.05 8.44 -17.19
C ASP C 93 -22.36 8.02 -15.75
N THR C 94 -23.40 7.20 -15.58
CA THR C 94 -23.83 6.78 -14.25
C THR C 94 -23.13 5.49 -13.85
N ALA C 95 -21.96 5.26 -14.41
CA ALA C 95 -21.26 4.01 -14.21
C ALA C 95 -20.41 4.00 -12.94
N VAL C 96 -20.02 2.81 -12.51
CA VAL C 96 -19.02 2.68 -11.44
C VAL C 96 -17.64 2.79 -12.04
N TYR C 97 -16.85 3.73 -11.54
CA TYR C 97 -15.53 3.98 -12.09
C TYR C 97 -14.40 3.30 -11.32
N PHE C 98 -13.48 2.69 -12.07
CA PHE C 98 -12.36 1.94 -11.46
C PHE C 98 -11.02 2.55 -11.78
N CYS C 99 -10.27 2.81 -10.71
CA CYS C 99 -8.85 3.13 -10.83
C CYS C 99 -8.07 1.83 -10.79
N THR C 100 -7.36 1.57 -11.89
CA THR C 100 -6.54 0.37 -12.00
C THR C 100 -5.10 0.70 -12.36
N THR C 101 -4.19 -0.13 -11.88
CA THR C 101 -2.77 0.13 -12.11
C THR C 101 -2.04 -1.15 -12.53
N THR C 102 -0.96 -0.97 -13.29
CA THR C 102 -0.19 -2.12 -13.77
C THR C 102 1.28 -1.77 -13.92
N SER C 103 2.15 -2.67 -13.45
CA SER C 103 3.59 -2.45 -13.56
C SER C 103 4.01 -2.59 -14.99
N THR C 104 4.78 -1.63 -15.45
CA THR C 104 5.32 -1.63 -16.81
C THR C 104 6.84 -1.69 -16.81
N TYR C 105 7.43 -2.11 -15.70
CA TYR C 105 8.86 -2.13 -15.57
C TYR C 105 9.47 -3.15 -16.52
N ASP C 106 8.98 -4.39 -16.44
CA ASP C 106 9.47 -5.45 -17.32
C ASP C 106 8.92 -5.28 -18.73
N LYS C 107 9.74 -4.71 -19.61
CA LYS C 107 9.29 -4.36 -20.95
C LYS C 107 8.83 -5.58 -21.74
N TRP C 108 9.33 -6.76 -21.36
CA TRP C 108 8.99 -8.00 -22.06
C TRP C 108 8.10 -8.87 -21.19
N SER C 109 7.28 -8.23 -20.37
CA SER C 109 6.22 -8.92 -19.66
C SER C 109 4.97 -8.87 -20.52
N GLY C 110 4.16 -9.92 -20.43
CA GLY C 110 2.94 -9.99 -21.21
C GLY C 110 1.89 -8.98 -20.80
N LEU C 111 2.09 -8.35 -19.65
CA LEU C 111 1.11 -7.42 -19.12
C LEU C 111 0.80 -6.26 -20.05
N HIS C 112 1.85 -5.64 -20.60
CA HIS C 112 1.70 -4.39 -21.33
C HIS C 112 2.31 -4.43 -22.71
N HIS C 113 1.80 -3.57 -23.58
CA HIS C 113 2.17 -3.52 -24.98
C HIS C 113 2.24 -2.08 -25.46
N ASP C 114 3.33 -1.40 -25.16
CA ASP C 114 3.52 -0.05 -25.64
C ASP C 114 2.41 0.93 -25.26
N GLY C 115 1.97 0.89 -24.02
CA GLY C 115 0.92 1.78 -23.55
C GLY C 115 -0.42 1.10 -23.45
N VAL C 116 -0.59 -0.01 -24.17
CA VAL C 116 -1.82 -0.79 -24.13
C VAL C 116 -1.57 -2.05 -23.33
N MET C 117 -2.37 -2.28 -22.29
CA MET C 117 -2.09 -3.34 -21.34
C MET C 117 -3.32 -3.95 -20.69
N ALA C 118 -3.10 -5.02 -19.95
CA ALA C 118 -4.08 -5.57 -19.03
C ALA C 118 -4.04 -4.77 -17.72
N PHE C 119 -4.96 -5.06 -16.81
CA PHE C 119 -5.10 -4.30 -15.58
C PHE C 119 -4.92 -5.20 -14.37
N SER C 120 -3.75 -5.10 -13.75
CA SER C 120 -3.35 -6.04 -12.70
C SER C 120 -4.00 -5.72 -11.35
N SER C 121 -3.79 -4.49 -10.86
CA SER C 121 -4.32 -4.10 -9.56
C SER C 121 -5.56 -3.22 -9.70
N TRP C 122 -6.66 -3.65 -9.10
CA TRP C 122 -7.93 -2.93 -9.20
C TRP C 122 -8.31 -2.23 -7.89
N GLY C 123 -8.78 -1.00 -8.01
CA GLY C 123 -9.27 -0.29 -6.86
C GLY C 123 -10.60 -0.82 -6.35
N GLN C 124 -11.20 -0.09 -5.43
CA GLN C 124 -12.47 -0.48 -4.80
C GLN C 124 -13.63 -0.13 -5.72
N GLY C 125 -13.37 0.81 -6.63
CA GLY C 125 -14.42 1.36 -7.46
C GLY C 125 -15.07 2.54 -6.77
N THR C 126 -15.48 3.51 -7.57
CA THR C 126 -16.26 4.65 -7.08
C THR C 126 -17.47 4.89 -7.97
N LEU C 127 -18.64 4.87 -7.37
CA LEU C 127 -19.91 5.08 -8.09
C LEU C 127 -20.17 6.57 -8.30
N ILE C 128 -20.47 6.93 -9.54
CA ILE C 128 -20.96 8.26 -9.86
C ILE C 128 -22.39 8.22 -10.41
N SER C 129 -23.37 8.73 -9.65
CA SER C 129 -24.76 8.79 -10.15
C SER C 129 -25.11 10.15 -10.76
N VAL C 130 -25.36 10.17 -12.05
CA VAL C 130 -25.80 11.41 -12.71
C VAL C 130 -27.31 11.38 -13.00
N SER C 131 -28.04 12.25 -12.28
CA SER C 131 -29.49 12.35 -12.43
C SER C 131 -30.03 13.72 -11.98
N ALA C 132 -31.09 14.17 -12.64
CA ALA C 132 -31.74 15.43 -12.30
C ALA C 132 -32.53 15.29 -11.01
N ALA C 133 -32.75 14.05 -10.61
CA ALA C 133 -33.54 13.80 -9.42
C ALA C 133 -32.83 14.40 -8.23
N SER C 134 -33.61 14.94 -7.31
CA SER C 134 -33.08 15.43 -6.07
C SER C 134 -33.28 14.32 -5.09
N THR C 135 -32.43 14.26 -4.08
CA THR C 135 -32.47 13.12 -3.20
C THR C 135 -33.87 13.05 -2.59
N LYS C 136 -34.44 11.85 -2.56
CA LYS C 136 -35.79 11.68 -2.06
C LYS C 136 -35.99 10.41 -1.27
N GLY C 137 -36.88 10.47 -0.30
CA GLY C 137 -37.29 9.32 0.47
C GLY C 137 -38.25 8.44 -0.29
N PRO C 138 -38.31 7.17 0.09
CA PRO C 138 -39.22 6.18 -0.50
C PRO C 138 -40.58 6.15 0.14
N SER C 139 -41.61 6.04 -0.69
CA SER C 139 -42.91 5.69 -0.21
C SER C 139 -42.91 4.18 -0.09
N VAL C 140 -43.37 3.66 1.04
CA VAL C 140 -43.35 2.21 1.28
C VAL C 140 -44.76 1.66 1.45
N PHE C 141 -45.12 0.72 0.58
CA PHE C 141 -46.45 0.15 0.57
C PHE C 141 -46.43 -1.37 0.76
N PRO C 142 -47.36 -1.90 1.57
CA PRO C 142 -47.45 -3.35 1.80
C PRO C 142 -48.16 -4.11 0.68
N LEU C 143 -47.51 -5.12 0.12
CA LEU C 143 -48.14 -6.02 -0.86
C LEU C 143 -48.57 -7.30 -0.15
N ALA C 144 -49.83 -7.32 0.27
CA ALA C 144 -50.35 -8.39 1.10
C ALA C 144 -51.04 -9.47 0.27
N PRO C 145 -51.16 -10.69 0.84
CA PRO C 145 -51.82 -11.84 0.21
C PRO C 145 -53.34 -11.74 0.21
N THR C 154 -48.96 -22.33 1.67
CA THR C 154 -47.98 -21.51 0.97
C THR C 154 -48.58 -20.16 0.57
N ALA C 155 -47.81 -19.08 0.76
CA ALA C 155 -48.27 -17.74 0.42
C ALA C 155 -47.11 -16.74 0.37
N ALA C 156 -47.25 -15.73 -0.47
CA ALA C 156 -46.22 -14.70 -0.65
C ALA C 156 -46.72 -13.32 -0.21
N LEU C 157 -45.88 -12.60 0.52
CA LEU C 157 -46.20 -11.26 0.99
C LEU C 157 -44.94 -10.40 0.98
N GLY C 158 -45.05 -9.16 0.50
CA GLY C 158 -43.89 -8.30 0.40
C GLY C 158 -44.17 -6.81 0.49
N CYS C 159 -43.10 -6.04 0.74
CA CYS C 159 -43.19 -4.59 0.79
C CYS C 159 -42.58 -3.93 -0.42
N LEU C 160 -43.27 -2.90 -0.92
CA LEU C 160 -42.81 -2.14 -2.08
C LEU C 160 -42.17 -0.82 -1.68
N VAL C 161 -40.86 -0.71 -1.92
CA VAL C 161 -40.14 0.54 -1.69
C VAL C 161 -40.04 1.36 -2.97
N LYS C 162 -40.81 2.45 -3.05
CA LYS C 162 -40.99 3.16 -4.32
C LYS C 162 -40.57 4.63 -4.32
N ASP C 163 -40.00 5.06 -5.45
CA ASP C 163 -39.68 6.46 -5.73
C ASP C 163 -38.71 7.05 -4.74
N TYR C 164 -37.59 6.37 -4.53
CA TYR C 164 -36.54 6.87 -3.66
C TYR C 164 -35.29 7.21 -4.43
N PHE C 165 -34.49 8.08 -3.84
CA PHE C 165 -33.26 8.50 -4.46
C PHE C 165 -32.39 9.26 -3.46
N PRO C 166 -31.06 9.05 -3.51
CA PRO C 166 -30.36 8.09 -4.36
C PRO C 166 -30.35 6.71 -3.71
N GLU C 167 -29.68 5.76 -4.33
CA GLU C 167 -29.49 4.45 -3.72
C GLU C 167 -28.53 4.58 -2.54
N PRO C 168 -28.45 3.55 -1.71
CA PRO C 168 -29.32 2.37 -1.69
C PRO C 168 -30.30 2.43 -0.54
N VAL C 169 -31.05 1.35 -0.35
CA VAL C 169 -31.92 1.20 0.79
C VAL C 169 -31.70 -0.20 1.38
N THR C 170 -31.84 -0.31 2.69
CA THR C 170 -31.74 -1.61 3.36
C THR C 170 -33.12 -1.99 3.88
N VAL C 171 -33.61 -3.14 3.44
CA VAL C 171 -34.93 -3.62 3.83
C VAL C 171 -34.81 -4.91 4.62
N SER C 172 -35.52 -4.98 5.74
CA SER C 172 -35.52 -6.17 6.59
C SER C 172 -36.95 -6.65 6.88
N TRP C 173 -37.06 -7.80 7.53
CA TRP C 173 -38.34 -8.37 7.91
C TRP C 173 -38.31 -8.80 9.38
N ASN C 174 -39.34 -8.41 10.13
CA ASN C 174 -39.38 -8.67 11.57
C ASN C 174 -38.11 -8.18 12.26
N SER C 175 -37.53 -7.11 11.72
CA SER C 175 -36.32 -6.52 12.26
C SER C 175 -35.17 -7.52 12.29
N GLY C 176 -34.99 -8.24 11.18
CA GLY C 176 -33.88 -9.16 11.05
C GLY C 176 -34.16 -10.54 11.59
N ALA C 177 -35.28 -10.70 12.27
CA ALA C 177 -35.67 -11.99 12.82
C ALA C 177 -35.93 -13.00 11.71
N LEU C 178 -36.54 -12.52 10.63
CA LEU C 178 -36.87 -13.37 9.48
C LEU C 178 -35.85 -13.20 8.37
N THR C 179 -35.18 -14.30 8.03
CA THR C 179 -34.10 -14.26 7.05
C THR C 179 -34.27 -15.30 5.95
N SER C 180 -35.10 -16.31 6.19
CA SER C 180 -35.32 -17.35 5.20
C SER C 180 -36.56 -17.06 4.36
N GLY C 181 -36.51 -17.41 3.08
CA GLY C 181 -37.64 -17.22 2.19
C GLY C 181 -37.74 -15.81 1.64
N VAL C 182 -36.91 -14.91 2.16
CA VAL C 182 -36.94 -13.50 1.78
C VAL C 182 -36.09 -13.27 0.54
N HIS C 183 -36.63 -12.46 -0.38
CA HIS C 183 -35.92 -12.06 -1.59
C HIS C 183 -36.06 -10.56 -1.77
N THR C 184 -35.00 -9.83 -1.44
CA THR C 184 -34.98 -8.38 -1.66
C THR C 184 -34.36 -8.08 -3.03
N PHE C 185 -35.19 -7.66 -3.96
CA PHE C 185 -34.76 -7.47 -5.34
C PHE C 185 -33.98 -6.15 -5.52
N PRO C 186 -32.99 -6.15 -6.43
CA PRO C 186 -32.20 -4.94 -6.71
C PRO C 186 -33.07 -3.82 -7.28
N ALA C 187 -32.75 -2.58 -6.91
CA ALA C 187 -33.52 -1.43 -7.33
C ALA C 187 -33.57 -1.31 -8.84
N VAL C 188 -34.72 -0.88 -9.35
CA VAL C 188 -34.89 -0.61 -10.76
C VAL C 188 -35.00 0.88 -10.96
N LEU C 189 -34.28 1.39 -11.95
CA LEU C 189 -34.40 2.80 -12.30
C LEU C 189 -35.69 3.05 -13.08
N GLN C 190 -36.68 3.60 -12.38
CA GLN C 190 -37.95 3.90 -13.01
C GLN C 190 -37.79 4.97 -14.08
N SER C 191 -38.79 5.06 -14.95
CA SER C 191 -38.75 6.01 -16.06
C SER C 191 -38.71 7.45 -15.57
N SER C 192 -38.98 7.65 -14.27
CA SER C 192 -39.01 8.97 -13.64
C SER C 192 -37.70 9.32 -12.94
N GLY C 193 -36.64 8.59 -13.28
CA GLY C 193 -35.30 8.82 -12.71
C GLY C 193 -35.18 8.45 -11.23
N LEU C 194 -36.26 7.95 -10.64
CA LEU C 194 -36.24 7.51 -9.25
C LEU C 194 -36.05 6.00 -9.17
N TYR C 195 -35.60 5.52 -8.01
CA TYR C 195 -35.38 4.09 -7.83
C TYR C 195 -36.52 3.45 -7.08
N SER C 196 -36.67 2.15 -7.27
CA SER C 196 -37.73 1.41 -6.62
C SER C 196 -37.34 -0.07 -6.58
N LEU C 197 -37.64 -0.72 -5.46
CA LEU C 197 -37.41 -2.16 -5.31
C LEU C 197 -38.47 -2.76 -4.41
N SER C 198 -38.36 -4.05 -4.17
CA SER C 198 -39.34 -4.75 -3.33
C SER C 198 -38.70 -5.94 -2.64
N SER C 199 -39.26 -6.33 -1.49
CA SER C 199 -38.77 -7.47 -0.73
C SER C 199 -39.92 -8.42 -0.45
N VAL C 200 -39.88 -9.62 -1.02
CA VAL C 200 -40.95 -10.58 -0.85
C VAL C 200 -40.49 -11.74 0.02
N VAL C 201 -41.35 -12.11 0.97
CA VAL C 201 -41.13 -13.28 1.80
C VAL C 201 -42.22 -14.34 1.60
N THR C 202 -41.81 -15.60 1.56
CA THR C 202 -42.74 -16.71 1.41
C THR C 202 -43.04 -17.34 2.78
N VAL C 203 -44.33 -17.37 3.13
CA VAL C 203 -44.78 -17.94 4.40
C VAL C 203 -46.08 -18.70 4.19
N PRO C 204 -46.29 -19.81 4.90
CA PRO C 204 -47.53 -20.59 4.76
C PRO C 204 -48.77 -19.83 5.23
N TYR C 213 -45.96 -9.53 10.99
CA TYR C 213 -45.09 -9.30 9.86
C TYR C 213 -44.99 -7.82 9.49
N ILE C 214 -43.75 -7.33 9.41
CA ILE C 214 -43.48 -5.93 9.08
C ILE C 214 -42.27 -5.75 8.17
N CYS C 215 -42.25 -4.64 7.43
CA CYS C 215 -41.10 -4.26 6.62
C CYS C 215 -40.28 -3.19 7.33
N ASN C 216 -38.96 -3.35 7.25
CA ASN C 216 -38.04 -2.43 7.91
C ASN C 216 -37.13 -1.74 6.90
N VAL C 217 -37.55 -0.57 6.45
CA VAL C 217 -36.83 0.14 5.40
C VAL C 217 -35.96 1.24 5.98
N ASN C 218 -34.70 1.25 5.58
CA ASN C 218 -33.75 2.27 6.00
C ASN C 218 -33.08 2.90 4.77
N HIS C 219 -33.45 4.15 4.49
CA HIS C 219 -32.80 4.94 3.44
C HIS C 219 -32.00 6.05 4.12
N LYS C 220 -30.76 5.74 4.47
CA LYS C 220 -29.92 6.66 5.24
C LYS C 220 -29.84 8.06 4.64
N PRO C 221 -29.64 8.18 3.32
CA PRO C 221 -29.55 9.51 2.70
C PRO C 221 -30.79 10.38 2.94
N SER C 222 -31.94 9.76 3.17
CA SER C 222 -33.19 10.48 3.39
C SER C 222 -33.58 10.55 4.88
N ASN C 223 -32.80 9.90 5.73
CA ASN C 223 -33.05 9.88 7.18
C ASN C 223 -34.38 9.25 7.53
N THR C 224 -34.91 8.43 6.63
CA THR C 224 -36.21 7.81 6.82
C THR C 224 -36.09 6.38 7.35
N LYS C 225 -36.66 6.14 8.53
CA LYS C 225 -36.58 4.84 9.18
C LYS C 225 -37.93 4.13 9.18
N VAL C 226 -38.68 4.29 8.09
CA VAL C 226 -40.03 3.75 7.99
C VAL C 226 -40.12 2.25 8.25
N ASP C 227 -40.98 1.88 9.19
CA ASP C 227 -41.32 0.48 9.45
C ASP C 227 -42.85 0.33 9.36
N LYS C 228 -43.33 -0.48 8.43
CA LYS C 228 -44.76 -0.58 8.16
C LYS C 228 -45.26 -2.02 8.13
N ARG C 229 -46.45 -2.22 8.68
CA ARG C 229 -47.01 -3.56 8.86
C ARG C 229 -47.71 -4.04 7.60
N VAL C 230 -47.95 -5.35 7.53
CA VAL C 230 -48.58 -5.97 6.38
C VAL C 230 -49.61 -6.99 6.87
N GLU C 231 -50.65 -7.21 6.08
CA GLU C 231 -51.65 -8.23 6.43
C GLU C 231 -52.85 -8.22 5.49
N ASP D 1 -10.93 0.01 -34.09
CA ASP D 1 -11.54 -0.28 -32.75
C ASP D 1 -12.05 -1.71 -32.70
N ILE D 2 -11.40 -2.53 -31.87
CA ILE D 2 -11.63 -3.97 -31.89
C ILE D 2 -12.85 -4.30 -31.06
N GLN D 3 -13.64 -5.26 -31.52
CA GLN D 3 -14.80 -5.75 -30.77
C GLN D 3 -14.56 -7.18 -30.33
N MET D 4 -14.75 -7.42 -29.04
CA MET D 4 -14.63 -8.75 -28.51
C MET D 4 -16.00 -9.28 -28.17
N THR D 5 -16.36 -10.41 -28.77
CA THR D 5 -17.64 -11.04 -28.50
C THR D 5 -17.42 -12.42 -27.88
N GLN D 6 -18.05 -12.67 -26.74
CA GLN D 6 -17.81 -13.90 -25.99
C GLN D 6 -18.91 -14.94 -26.21
N SER D 7 -18.55 -16.20 -25.95
CA SER D 7 -19.48 -17.30 -26.10
C SER D 7 -19.32 -18.37 -25.01
N PRO D 8 -20.42 -18.73 -24.32
CA PRO D 8 -21.77 -18.17 -24.47
C PRO D 8 -21.95 -16.96 -23.57
N SER D 9 -23.15 -16.39 -23.59
CA SER D 9 -23.50 -15.31 -22.69
C SER D 9 -23.52 -15.81 -21.25
N THR D 10 -23.86 -17.09 -21.11
CA THR D 10 -23.95 -17.73 -19.82
C THR D 10 -23.88 -19.24 -20.00
N LEU D 11 -23.33 -19.94 -19.01
CA LEU D 11 -23.28 -21.39 -19.08
C LEU D 11 -23.50 -21.95 -17.69
N SER D 12 -24.21 -23.08 -17.64
CA SER D 12 -24.45 -23.79 -16.39
C SER D 12 -23.43 -24.91 -16.21
N ALA D 13 -22.75 -24.91 -15.07
CA ALA D 13 -21.70 -25.88 -14.79
C ALA D 13 -21.79 -26.39 -13.37
N SER D 14 -21.27 -27.61 -13.15
CA SER D 14 -21.25 -28.23 -11.84
C SER D 14 -19.86 -28.14 -11.24
N ILE D 15 -19.73 -28.50 -9.96
CA ILE D 15 -18.44 -28.46 -9.29
C ILE D 15 -17.53 -29.57 -9.81
N GLY D 16 -16.34 -29.19 -10.25
CA GLY D 16 -15.38 -30.15 -10.79
C GLY D 16 -15.36 -30.16 -12.30
N ASP D 17 -16.42 -29.63 -12.90
CA ASP D 17 -16.53 -29.57 -14.36
C ASP D 17 -15.40 -28.75 -14.96
N THR D 18 -15.27 -28.84 -16.28
CA THR D 18 -14.29 -28.05 -17.01
C THR D 18 -15.02 -27.08 -17.90
N VAL D 19 -14.91 -25.79 -17.58
CA VAL D 19 -15.63 -24.75 -18.30
C VAL D 19 -14.77 -24.20 -19.44
N ARG D 20 -15.37 -24.15 -20.63
CA ARG D 20 -14.73 -23.53 -21.78
C ARG D 20 -15.49 -22.27 -22.13
N ILE D 21 -14.77 -21.15 -22.09
CA ILE D 21 -15.32 -19.84 -22.44
C ILE D 21 -14.49 -19.21 -23.55
N SER D 22 -15.09 -19.05 -24.73
CA SER D 22 -14.36 -18.51 -25.88
C SER D 22 -14.66 -17.02 -26.07
N CYS D 23 -13.89 -16.38 -26.94
CA CYS D 23 -14.00 -14.94 -27.19
C CYS D 23 -13.36 -14.66 -28.55
N ARG D 24 -14.00 -13.84 -29.38
CA ARG D 24 -13.50 -13.59 -30.74
C ARG D 24 -13.43 -12.12 -31.10
N ALA D 25 -12.35 -11.73 -31.79
CA ALA D 25 -12.09 -10.34 -32.13
C ALA D 25 -12.50 -10.01 -33.56
N SER D 26 -12.86 -8.75 -33.80
CA SER D 26 -13.28 -8.31 -35.11
C SER D 26 -12.16 -8.42 -36.15
N GLN D 27 -10.92 -8.48 -35.66
CA GLN D 27 -9.75 -8.70 -36.52
C GLN D 27 -8.77 -9.61 -35.82
N SER D 28 -7.70 -9.97 -36.54
CA SER D 28 -6.70 -10.87 -36.00
C SER D 28 -5.73 -10.14 -35.07
N ILE D 29 -5.48 -10.75 -33.91
CA ILE D 29 -4.51 -10.24 -32.94
C ILE D 29 -3.28 -11.14 -32.92
N THR D 30 -2.25 -10.73 -33.65
CA THR D 30 -1.04 -11.55 -33.81
C THR D 30 -0.28 -11.68 -32.50
N GLY D 31 -0.18 -10.58 -31.77
CA GLY D 31 0.58 -10.54 -30.54
C GLY D 31 -0.02 -11.34 -29.40
N ASN D 32 -1.23 -11.86 -29.61
CA ASN D 32 -1.98 -12.58 -28.58
C ASN D 32 -2.17 -11.75 -27.31
N TRP D 33 -2.33 -10.44 -27.49
CA TRP D 33 -2.51 -9.54 -26.36
C TRP D 33 -3.95 -9.58 -25.85
N VAL D 34 -4.30 -10.67 -25.17
CA VAL D 34 -5.63 -10.83 -24.60
C VAL D 34 -5.55 -11.26 -23.13
N ALA D 35 -6.48 -10.77 -22.31
CA ALA D 35 -6.49 -11.09 -20.89
C ALA D 35 -7.85 -11.59 -20.48
N TRP D 36 -7.89 -12.37 -19.40
CA TRP D 36 -9.14 -12.90 -18.83
C TRP D 36 -9.29 -12.47 -17.38
N TYR D 37 -10.44 -11.88 -17.07
CA TYR D 37 -10.77 -11.47 -15.71
C TYR D 37 -11.96 -12.25 -15.18
N GLN D 38 -12.06 -12.31 -13.86
CA GLN D 38 -13.27 -12.79 -13.21
C GLN D 38 -13.81 -11.66 -12.37
N GLN D 39 -15.12 -11.59 -12.23
CA GLN D 39 -15.73 -10.59 -11.37
C GLN D 39 -16.74 -11.21 -10.43
N ARG D 40 -16.50 -11.07 -9.14
CA ARG D 40 -17.46 -11.47 -8.13
C ARG D 40 -18.53 -10.36 -8.10
N PRO D 41 -19.78 -10.71 -7.75
CA PRO D 41 -20.84 -9.70 -7.67
C PRO D 41 -20.57 -8.62 -6.62
N GLY D 42 -20.56 -7.36 -7.03
CA GLY D 42 -20.33 -6.26 -6.10
C GLY D 42 -18.88 -5.99 -5.80
N LYS D 43 -18.00 -6.88 -6.26
CA LYS D 43 -16.56 -6.73 -6.03
C LYS D 43 -15.86 -6.40 -7.33
N ALA D 44 -14.66 -5.85 -7.23
CA ALA D 44 -13.90 -5.48 -8.42
C ALA D 44 -13.46 -6.74 -9.16
N PRO D 45 -13.20 -6.61 -10.46
CA PRO D 45 -12.72 -7.75 -11.25
C PRO D 45 -11.26 -8.08 -10.96
N ARG D 46 -10.96 -9.37 -10.92
CA ARG D 46 -9.60 -9.88 -10.72
C ARG D 46 -9.00 -10.32 -12.05
N LEU D 47 -7.72 -10.01 -12.26
CA LEU D 47 -7.02 -10.45 -13.46
C LEU D 47 -6.53 -11.88 -13.31
N LEU D 48 -6.90 -12.76 -14.25
CA LEU D 48 -6.56 -14.17 -14.19
C LEU D 48 -5.48 -14.68 -15.16
N ILE D 49 -5.61 -14.27 -16.42
CA ILE D 49 -4.65 -14.66 -17.46
C ILE D 49 -4.29 -13.47 -18.33
N TYR D 50 -3.01 -13.36 -18.70
CA TYR D 50 -2.58 -12.30 -19.60
C TYR D 50 -1.84 -12.90 -20.79
N ARG D 51 -1.60 -12.07 -21.81
CA ARG D 51 -0.96 -12.47 -23.08
C ARG D 51 -1.46 -13.82 -23.63
N GLY D 52 -2.77 -14.00 -23.61
CA GLY D 52 -3.38 -15.19 -24.20
C GLY D 52 -3.44 -16.36 -23.25
N ALA D 53 -2.28 -16.83 -22.80
CA ALA D 53 -2.22 -18.08 -22.03
C ALA D 53 -1.48 -17.93 -20.72
N ALA D 54 -0.73 -16.84 -20.58
CA ALA D 54 0.10 -16.63 -19.38
C ALA D 54 -0.79 -16.43 -18.16
N LEU D 55 -0.59 -17.31 -17.18
CA LEU D 55 -1.38 -17.29 -15.96
C LEU D 55 -0.75 -16.42 -14.92
N LEU D 56 -1.54 -15.51 -14.37
CA LEU D 56 -1.03 -14.53 -13.41
C LEU D 56 -0.66 -15.17 -12.09
N GLY D 57 0.33 -14.59 -11.42
CA GLY D 57 0.79 -15.08 -10.14
C GLY D 57 -0.24 -14.94 -9.03
N GLY D 58 -0.51 -16.07 -8.38
CA GLY D 58 -1.45 -16.12 -7.29
C GLY D 58 -2.74 -16.76 -7.73
N VAL D 59 -2.92 -16.87 -9.05
CA VAL D 59 -4.15 -17.45 -9.60
C VAL D 59 -3.99 -18.98 -9.75
N PRO D 60 -5.02 -19.74 -9.37
CA PRO D 60 -5.02 -21.21 -9.45
C PRO D 60 -4.65 -21.77 -10.82
N SER D 61 -3.94 -22.89 -10.84
CA SER D 61 -3.47 -23.49 -12.09
C SER D 61 -4.62 -24.08 -12.89
N ARG D 62 -5.79 -24.22 -12.27
CA ARG D 62 -6.96 -24.77 -12.95
C ARG D 62 -7.41 -23.87 -14.09
N PHE D 63 -6.90 -22.64 -14.11
CA PHE D 63 -7.21 -21.72 -15.19
C PHE D 63 -6.17 -21.88 -16.28
N SER D 64 -6.64 -22.02 -17.50
CA SER D 64 -5.79 -22.19 -18.67
C SER D 64 -6.21 -21.24 -19.76
N GLY D 65 -5.29 -20.92 -20.66
CA GLY D 65 -5.59 -20.06 -21.79
C GLY D 65 -5.35 -20.77 -23.11
N SER D 66 -5.92 -20.20 -24.16
CA SER D 66 -5.72 -20.67 -25.51
C SER D 66 -5.86 -19.49 -26.46
N ALA D 67 -4.89 -19.29 -27.35
CA ALA D 67 -4.88 -18.13 -28.23
C ALA D 67 -4.48 -18.47 -29.66
N ALA D 68 -5.38 -18.16 -30.61
CA ALA D 68 -5.13 -18.40 -32.03
C ALA D 68 -5.81 -17.35 -32.91
N GLY D 69 -5.03 -16.39 -33.41
CA GLY D 69 -5.54 -15.37 -34.30
C GLY D 69 -6.67 -14.55 -33.69
N THR D 70 -7.87 -14.76 -34.21
CA THR D 70 -9.06 -14.02 -33.76
C THR D 70 -9.79 -14.71 -32.60
N ASP D 71 -9.60 -16.02 -32.47
CA ASP D 71 -10.34 -16.82 -31.49
C ASP D 71 -9.49 -17.17 -30.25
N PHE D 72 -9.94 -16.71 -29.08
CA PHE D 72 -9.29 -17.02 -27.80
C PHE D 72 -10.28 -17.71 -26.86
N THR D 73 -9.80 -18.54 -25.94
CA THR D 73 -10.69 -19.24 -25.03
C THR D 73 -10.06 -19.53 -23.66
N LEU D 74 -10.86 -19.37 -22.61
CA LEU D 74 -10.46 -19.63 -21.24
C LEU D 74 -10.97 -20.98 -20.81
N THR D 75 -10.07 -21.80 -20.28
CA THR D 75 -10.44 -23.15 -19.85
C THR D 75 -10.26 -23.28 -18.37
N ILE D 76 -11.31 -23.68 -17.68
CA ILE D 76 -11.29 -23.80 -16.23
C ILE D 76 -11.58 -25.22 -15.80
N GLY D 77 -10.55 -25.90 -15.29
CA GLY D 77 -10.69 -27.28 -14.83
C GLY D 77 -10.98 -27.35 -13.35
N ASN D 78 -11.57 -28.47 -12.92
CA ASN D 78 -11.88 -28.69 -11.52
C ASN D 78 -12.56 -27.47 -10.90
N LEU D 79 -13.67 -27.07 -11.50
CA LEU D 79 -14.42 -25.88 -11.09
C LEU D 79 -14.85 -25.96 -9.61
N GLN D 80 -14.92 -24.80 -8.98
CA GLN D 80 -15.21 -24.66 -7.57
C GLN D 80 -15.94 -23.36 -7.21
N ALA D 81 -16.53 -23.32 -6.02
CA ALA D 81 -17.46 -22.25 -5.65
C ALA D 81 -16.95 -20.87 -6.02
N GLU D 82 -15.71 -20.58 -5.66
CA GLU D 82 -15.12 -19.28 -5.91
C GLU D 82 -15.04 -18.96 -7.41
N ASP D 83 -15.15 -19.99 -8.25
CA ASP D 83 -15.00 -19.81 -9.69
C ASP D 83 -16.28 -19.25 -10.32
N PHE D 84 -17.41 -19.47 -9.67
CA PHE D 84 -18.68 -19.00 -10.23
C PHE D 84 -18.76 -17.48 -10.20
N GLY D 85 -19.19 -16.91 -11.33
CA GLY D 85 -19.25 -15.47 -11.46
C GLY D 85 -19.22 -15.08 -12.92
N THR D 86 -18.84 -13.84 -13.18
CA THR D 86 -18.81 -13.35 -14.56
C THR D 86 -17.36 -13.20 -15.02
N PHE D 87 -17.04 -13.82 -16.15
CA PHE D 87 -15.69 -13.76 -16.71
C PHE D 87 -15.63 -12.87 -17.94
N TYR D 88 -14.55 -12.08 -18.04
CA TYR D 88 -14.39 -11.15 -19.15
C TYR D 88 -13.09 -11.38 -19.90
N CYS D 89 -13.16 -11.22 -21.22
CA CYS D 89 -11.97 -11.23 -22.05
C CYS D 89 -11.68 -9.81 -22.50
N GLN D 90 -10.40 -9.46 -22.59
CA GLN D 90 -9.99 -8.15 -23.06
C GLN D 90 -8.84 -8.18 -24.06
N GLN D 91 -8.87 -7.27 -25.02
CA GLN D 91 -7.76 -7.13 -25.98
C GLN D 91 -6.98 -5.87 -25.65
N TYR D 92 -5.65 -6.00 -25.64
CA TYR D 92 -4.80 -4.82 -25.56
C TYR D 92 -3.77 -4.82 -26.67
N ASP D 93 -4.18 -5.34 -27.82
CA ASP D 93 -3.35 -5.35 -29.02
C ASP D 93 -3.19 -3.93 -29.52
N THR D 94 -4.31 -3.21 -29.61
CA THR D 94 -4.30 -1.85 -30.13
C THR D 94 -5.20 -0.94 -29.30
N TYR D 95 -4.90 0.35 -29.36
CA TYR D 95 -5.66 1.35 -28.63
C TYR D 95 -7.06 1.51 -29.22
N PRO D 96 -8.10 1.62 -28.36
CA PRO D 96 -8.06 1.46 -26.90
C PRO D 96 -8.45 0.07 -26.48
N GLY D 97 -8.22 -0.26 -25.22
CA GLY D 97 -8.55 -1.57 -24.71
C GLY D 97 -10.05 -1.79 -24.77
N THR D 98 -10.45 -2.97 -25.24
CA THR D 98 -11.86 -3.29 -25.40
C THR D 98 -12.22 -4.60 -24.71
N PHE D 99 -13.36 -4.60 -24.02
CA PHE D 99 -13.82 -5.78 -23.31
C PHE D 99 -14.90 -6.55 -24.07
N GLY D 100 -15.09 -7.79 -23.65
CA GLY D 100 -16.13 -8.62 -24.23
C GLY D 100 -17.42 -8.42 -23.48
N GLN D 101 -18.47 -9.08 -23.95
CA GLN D 101 -19.79 -8.96 -23.37
C GLN D 101 -19.84 -9.51 -21.96
N GLY D 102 -18.97 -10.48 -21.67
CA GLY D 102 -18.96 -11.15 -20.39
C GLY D 102 -19.70 -12.47 -20.46
N THR D 103 -19.40 -13.37 -19.53
CA THR D 103 -20.00 -14.69 -19.50
C THR D 103 -20.31 -15.04 -18.07
N LYS D 104 -21.58 -15.34 -17.82
CA LYS D 104 -22.04 -15.69 -16.48
C LYS D 104 -21.92 -17.20 -16.28
N VAL D 105 -20.90 -17.62 -15.56
CA VAL D 105 -20.77 -19.01 -15.16
C VAL D 105 -21.55 -19.20 -13.87
N GLU D 106 -22.67 -19.94 -13.95
CA GLU D 106 -23.60 -20.16 -12.84
C GLU D 106 -23.87 -21.64 -12.55
N VAL D 107 -24.11 -21.94 -11.28
CA VAL D 107 -24.42 -23.30 -10.82
C VAL D 107 -25.58 -23.92 -11.56
N LYS D 108 -25.35 -25.10 -12.14
CA LYS D 108 -26.44 -25.87 -12.73
C LYS D 108 -27.20 -26.58 -11.63
N ARG D 109 -28.50 -26.76 -11.85
CA ARG D 109 -29.35 -27.40 -10.86
C ARG D 109 -30.51 -28.06 -11.56
N THR D 110 -31.15 -28.99 -10.86
CA THR D 110 -32.36 -29.60 -11.37
C THR D 110 -33.35 -28.50 -11.74
N VAL D 111 -33.93 -28.62 -12.94
CA VAL D 111 -34.90 -27.65 -13.41
C VAL D 111 -36.10 -27.60 -12.48
N ALA D 112 -36.43 -26.39 -12.03
CA ALA D 112 -37.54 -26.20 -11.10
C ALA D 112 -38.53 -25.20 -11.64
N ALA D 113 -39.81 -25.58 -11.61
CA ALA D 113 -40.88 -24.71 -12.06
C ALA D 113 -40.98 -23.51 -11.11
N PRO D 114 -41.40 -22.34 -11.63
CA PRO D 114 -41.55 -21.12 -10.86
C PRO D 114 -42.82 -21.10 -10.02
N SER D 115 -42.80 -20.38 -8.91
CA SER D 115 -43.98 -20.21 -8.08
C SER D 115 -44.57 -18.80 -8.30
N VAL D 116 -45.74 -18.75 -8.94
CA VAL D 116 -46.31 -17.47 -9.37
C VAL D 116 -47.27 -16.87 -8.33
N PHE D 117 -47.03 -15.61 -7.96
CA PHE D 117 -47.91 -14.86 -7.07
C PHE D 117 -48.19 -13.47 -7.63
N ILE D 118 -49.47 -13.09 -7.67
CA ILE D 118 -49.87 -11.77 -8.15
C ILE D 118 -50.25 -10.88 -6.98
N PHE D 119 -49.88 -9.60 -7.07
CA PHE D 119 -50.13 -8.65 -5.99
C PHE D 119 -50.83 -7.41 -6.51
N PRO D 120 -52.08 -7.17 -6.06
CA PRO D 120 -52.77 -5.95 -6.45
C PRO D 120 -52.16 -4.73 -5.75
N PRO D 121 -52.36 -3.53 -6.33
CA PRO D 121 -51.83 -2.31 -5.72
C PRO D 121 -52.38 -2.09 -4.33
N SER D 122 -51.50 -1.73 -3.39
CA SER D 122 -51.92 -1.41 -2.05
C SER D 122 -52.85 -0.21 -2.07
N ASP D 123 -53.71 -0.08 -1.06
CA ASP D 123 -54.68 1.01 -1.03
C ASP D 123 -53.99 2.36 -0.82
N GLU D 124 -52.97 2.38 0.02
CA GLU D 124 -52.25 3.63 0.32
C GLU D 124 -51.48 4.13 -0.91
N GLN D 125 -51.02 3.22 -1.75
CA GLN D 125 -50.37 3.59 -3.00
C GLN D 125 -51.37 4.17 -3.98
N LEU D 126 -52.54 3.52 -4.06
CA LEU D 126 -53.63 4.00 -4.89
C LEU D 126 -53.99 5.43 -4.50
N LYS D 127 -54.02 5.70 -3.20
CA LYS D 127 -54.32 7.06 -2.71
C LYS D 127 -53.15 8.01 -2.94
N SER D 128 -51.95 7.47 -3.22
CA SER D 128 -50.79 8.28 -3.50
C SER D 128 -50.78 8.77 -4.96
N GLY D 129 -51.62 8.16 -5.80
CA GLY D 129 -51.78 8.59 -7.19
C GLY D 129 -51.19 7.65 -8.24
N THR D 130 -50.67 6.50 -7.80
CA THR D 130 -50.08 5.53 -8.72
C THR D 130 -50.50 4.12 -8.35
N ALA D 131 -50.47 3.23 -9.32
CA ALA D 131 -50.79 1.83 -9.10
C ALA D 131 -49.66 0.95 -9.63
N SER D 132 -49.18 0.05 -8.78
CA SER D 132 -48.16 -0.91 -9.17
C SER D 132 -48.63 -2.34 -8.92
N VAL D 133 -48.95 -3.04 -10.02
CA VAL D 133 -49.31 -4.45 -9.96
C VAL D 133 -48.02 -5.28 -10.03
N VAL D 134 -47.85 -6.18 -9.07
CA VAL D 134 -46.62 -6.95 -8.94
C VAL D 134 -46.84 -8.46 -9.08
N CYS D 135 -46.43 -9.01 -10.23
CA CYS D 135 -46.38 -10.46 -10.41
C CYS D 135 -45.03 -10.95 -9.93
N LEU D 136 -45.03 -12.05 -9.19
CA LEU D 136 -43.81 -12.57 -8.60
C LEU D 136 -43.61 -14.03 -8.97
N LEU D 137 -42.40 -14.34 -9.41
CA LEU D 137 -42.02 -15.71 -9.62
C LEU D 137 -40.99 -16.00 -8.55
N ASN D 138 -41.34 -16.94 -7.68
CA ASN D 138 -40.41 -17.40 -6.65
C ASN D 138 -39.30 -18.25 -7.25
N ASN D 139 -38.56 -18.96 -6.39
CA ASN D 139 -37.47 -19.86 -6.80
C ASN D 139 -37.71 -20.75 -8.02
N PHE D 140 -36.82 -20.67 -9.00
CA PHE D 140 -36.91 -21.42 -10.27
C PHE D 140 -35.59 -21.59 -11.04
N TYR D 141 -35.55 -22.58 -11.94
CA TYR D 141 -34.40 -22.80 -12.80
C TYR D 141 -34.86 -23.30 -14.18
N PRO D 142 -34.26 -22.78 -15.27
CA PRO D 142 -33.26 -21.71 -15.26
C PRO D 142 -33.90 -20.34 -15.12
N ARG D 143 -33.04 -19.34 -14.92
CA ARG D 143 -33.48 -17.98 -14.79
C ARG D 143 -34.34 -17.61 -15.99
N GLU D 144 -33.98 -18.18 -17.14
CA GLU D 144 -34.58 -17.84 -18.42
C GLU D 144 -36.09 -18.08 -18.39
N ALA D 145 -36.85 -16.99 -18.41
CA ALA D 145 -38.30 -17.05 -18.33
C ALA D 145 -38.90 -15.80 -18.96
N LYS D 146 -40.11 -15.94 -19.51
CA LYS D 146 -40.82 -14.81 -20.10
C LYS D 146 -42.13 -14.55 -19.36
N VAL D 147 -42.42 -13.28 -19.11
CA VAL D 147 -43.62 -12.88 -18.36
C VAL D 147 -44.29 -11.68 -19.03
N GLN D 148 -45.57 -11.83 -19.39
CA GLN D 148 -46.34 -10.74 -20.00
C GLN D 148 -47.44 -10.23 -19.06
N TRP D 149 -47.81 -8.96 -19.25
CA TRP D 149 -48.91 -8.34 -18.48
C TRP D 149 -50.12 -8.05 -19.35
N LYS D 150 -51.06 -8.99 -19.37
CA LYS D 150 -52.29 -8.81 -20.13
C LYS D 150 -53.33 -8.11 -19.26
N VAL D 151 -53.80 -6.96 -19.75
CA VAL D 151 -54.87 -6.22 -19.08
C VAL D 151 -56.15 -6.30 -19.91
N ASP D 152 -57.20 -6.89 -19.33
CA ASP D 152 -58.45 -7.13 -20.05
C ASP D 152 -58.18 -8.02 -21.26
N ASN D 153 -57.35 -9.04 -21.06
CA ASN D 153 -56.94 -9.94 -22.14
C ASN D 153 -56.38 -9.17 -23.32
N ALA D 154 -55.59 -8.14 -23.02
CA ALA D 154 -54.91 -7.35 -24.03
C ALA D 154 -53.47 -7.11 -23.60
N LEU D 155 -52.52 -7.35 -24.50
CA LEU D 155 -51.11 -7.21 -24.19
C LEU D 155 -50.78 -5.76 -23.83
N GLN D 156 -49.74 -5.57 -23.02
CA GLN D 156 -49.29 -4.24 -22.65
C GLN D 156 -47.79 -4.08 -22.81
N SER D 157 -47.41 -3.00 -23.49
CA SER D 157 -46.00 -2.69 -23.72
C SER D 157 -45.65 -1.41 -22.99
N GLY D 158 -44.44 -1.36 -22.44
CA GLY D 158 -44.02 -0.22 -21.64
C GLY D 158 -44.73 -0.26 -20.32
N ASN D 159 -44.37 0.69 -19.45
CA ASN D 159 -44.97 0.77 -18.12
C ASN D 159 -44.75 -0.50 -17.33
N SER D 160 -43.71 -1.25 -17.67
CA SER D 160 -43.41 -2.49 -16.97
C SER D 160 -41.90 -2.66 -16.76
N GLN D 161 -41.54 -3.15 -15.58
CA GLN D 161 -40.14 -3.37 -15.22
C GLN D 161 -40.01 -4.58 -14.32
N GLU D 162 -39.15 -5.53 -14.71
CA GLU D 162 -38.89 -6.72 -13.90
C GLU D 162 -37.48 -6.70 -13.31
N SER D 163 -37.27 -7.46 -12.23
CA SER D 163 -35.99 -7.51 -11.53
C SER D 163 -35.65 -8.96 -11.12
N VAL D 164 -34.37 -9.28 -10.99
CA VAL D 164 -33.95 -10.65 -10.67
C VAL D 164 -32.96 -10.71 -9.50
N THR D 165 -33.17 -11.66 -8.59
CA THR D 165 -32.22 -11.89 -7.51
C THR D 165 -31.02 -12.72 -7.99
N GLU D 166 -29.95 -12.72 -7.21
CA GLU D 166 -28.79 -13.51 -7.56
C GLU D 166 -29.07 -14.95 -7.13
N GLN D 167 -28.28 -15.89 -7.65
CA GLN D 167 -28.51 -17.30 -7.37
C GLN D 167 -28.33 -17.56 -5.89
N ASP D 168 -29.31 -18.22 -5.28
CA ASP D 168 -29.32 -18.44 -3.83
C ASP D 168 -28.14 -19.32 -3.42
N SER D 169 -27.51 -18.97 -2.29
CA SER D 169 -26.31 -19.69 -1.83
C SER D 169 -26.64 -21.16 -1.67
N LYS D 170 -27.84 -21.46 -1.21
CA LYS D 170 -28.24 -22.84 -0.92
C LYS D 170 -29.22 -23.45 -1.91
N ASP D 171 -30.26 -22.70 -2.29
CA ASP D 171 -31.26 -23.21 -3.22
C ASP D 171 -30.70 -23.28 -4.65
N SER D 172 -29.65 -22.50 -4.90
CA SER D 172 -29.06 -22.37 -6.24
C SER D 172 -30.17 -22.03 -7.24
N THR D 173 -31.08 -21.18 -6.79
CA THR D 173 -32.24 -20.79 -7.55
C THR D 173 -32.32 -19.28 -7.68
N TYR D 174 -33.22 -18.83 -8.54
CA TYR D 174 -33.46 -17.42 -8.77
C TYR D 174 -34.88 -17.05 -8.35
N SER D 175 -35.08 -15.80 -7.94
CA SER D 175 -36.43 -15.29 -7.69
C SER D 175 -36.60 -14.00 -8.49
N LEU D 176 -37.75 -13.81 -9.14
CA LEU D 176 -37.95 -12.68 -10.07
C LEU D 176 -39.23 -11.88 -9.81
N SER D 177 -39.10 -10.55 -9.87
CA SER D 177 -40.24 -9.64 -9.74
C SER D 177 -40.59 -9.04 -11.08
N SER D 178 -41.87 -8.68 -11.25
CA SER D 178 -42.35 -7.97 -12.44
C SER D 178 -43.42 -6.98 -12.00
N THR D 179 -43.22 -5.69 -12.31
CA THR D 179 -44.13 -4.64 -11.85
C THR D 179 -44.71 -3.82 -13.00
N LEU D 180 -46.03 -3.77 -13.05
CA LEU D 180 -46.74 -2.93 -14.01
C LEU D 180 -47.11 -1.63 -13.32
N THR D 181 -46.57 -0.53 -13.82
CA THR D 181 -46.73 0.79 -13.20
C THR D 181 -47.72 1.66 -13.98
N LEU D 182 -48.90 1.83 -13.41
CA LEU D 182 -49.97 2.61 -14.03
C LEU D 182 -50.32 3.78 -13.14
N SER D 183 -51.12 4.70 -13.67
CA SER D 183 -51.69 5.77 -12.84
C SER D 183 -52.92 5.21 -12.12
N LYS D 184 -53.47 5.98 -11.20
CA LYS D 184 -54.70 5.58 -10.52
C LYS D 184 -55.83 5.55 -11.53
N ALA D 185 -55.87 6.56 -12.39
CA ALA D 185 -56.92 6.69 -13.40
C ALA D 185 -56.92 5.47 -14.32
N ASP D 186 -55.79 5.20 -14.95
CA ASP D 186 -55.68 4.08 -15.89
C ASP D 186 -56.01 2.75 -15.22
N TYR D 187 -55.81 2.67 -13.90
CA TYR D 187 -56.11 1.45 -13.18
C TYR D 187 -57.61 1.29 -13.00
N GLU D 188 -58.32 2.41 -12.87
CA GLU D 188 -59.78 2.40 -12.72
C GLU D 188 -60.49 2.21 -14.06
N LYS D 189 -59.78 2.54 -15.15
CA LYS D 189 -60.34 2.47 -16.50
C LYS D 189 -60.34 1.06 -17.09
N HIS D 190 -59.75 0.11 -16.36
CA HIS D 190 -59.68 -1.28 -16.82
C HIS D 190 -60.13 -2.24 -15.73
N LYS D 191 -60.64 -3.39 -16.15
CA LYS D 191 -61.37 -4.27 -15.27
C LYS D 191 -60.52 -5.43 -14.74
N VAL D 192 -59.91 -6.17 -15.65
CA VAL D 192 -59.13 -7.35 -15.28
C VAL D 192 -57.63 -7.19 -15.61
N TYR D 193 -56.79 -7.48 -14.63
CA TYR D 193 -55.34 -7.44 -14.80
C TYR D 193 -54.72 -8.82 -14.62
N ALA D 194 -53.93 -9.26 -15.60
CA ALA D 194 -53.40 -10.61 -15.62
C ALA D 194 -51.88 -10.68 -15.80
N CYS D 195 -51.25 -11.62 -15.10
CA CYS D 195 -49.82 -11.91 -15.26
C CYS D 195 -49.63 -13.31 -15.83
N GLU D 196 -49.21 -13.38 -17.09
CA GLU D 196 -48.97 -14.64 -17.78
C GLU D 196 -47.47 -14.94 -17.87
N VAL D 197 -47.02 -15.99 -17.16
CA VAL D 197 -45.62 -16.38 -17.19
C VAL D 197 -45.40 -17.68 -17.97
N THR D 198 -44.40 -17.70 -18.84
CA THR D 198 -44.10 -18.89 -19.64
C THR D 198 -42.66 -19.34 -19.40
N HIS D 199 -42.52 -20.58 -18.93
CA HIS D 199 -41.22 -21.13 -18.54
C HIS D 199 -41.08 -22.55 -19.03
N GLN D 200 -39.86 -22.97 -19.34
CA GLN D 200 -39.61 -24.34 -19.77
C GLN D 200 -39.98 -25.34 -18.68
N GLY D 201 -39.91 -24.91 -17.43
CA GLY D 201 -40.23 -25.77 -16.30
C GLY D 201 -41.70 -25.81 -15.99
N LEU D 202 -42.47 -24.91 -16.60
CA LEU D 202 -43.91 -24.85 -16.36
C LEU D 202 -44.66 -25.91 -17.15
N SER D 203 -44.20 -26.19 -18.36
CA SER D 203 -44.84 -27.15 -19.26
C SER D 203 -46.24 -26.68 -19.67
N SER D 204 -46.62 -25.50 -19.22
CA SER D 204 -47.93 -24.93 -19.52
C SER D 204 -47.82 -23.45 -19.16
N PRO D 205 -48.42 -22.57 -19.98
CA PRO D 205 -48.47 -21.13 -19.63
C PRO D 205 -49.41 -20.84 -18.47
N VAL D 206 -48.90 -20.16 -17.45
CA VAL D 206 -49.66 -19.84 -16.24
C VAL D 206 -50.13 -18.41 -16.24
N THR D 207 -51.41 -18.22 -15.95
CA THR D 207 -52.00 -16.89 -15.84
C THR D 207 -52.56 -16.68 -14.43
N LYS D 208 -51.77 -16.05 -13.56
CA LYS D 208 -52.26 -15.66 -12.24
C LYS D 208 -52.79 -14.23 -12.32
N SER D 209 -54.08 -14.04 -12.01
CA SER D 209 -54.76 -12.76 -12.26
C SER D 209 -55.81 -12.36 -11.22
N PHE D 210 -56.32 -11.14 -11.36
CA PHE D 210 -57.36 -10.60 -10.48
C PHE D 210 -58.17 -9.56 -11.24
N ASN D 211 -59.27 -9.09 -10.63
CA ASN D 211 -60.06 -8.01 -11.22
C ASN D 211 -60.53 -7.02 -10.17
N ARG D 212 -60.18 -5.76 -10.36
CA ARG D 212 -60.56 -4.67 -9.46
C ARG D 212 -59.97 -3.36 -9.96
C1 NAG E . 12.00 6.69 35.70
C2 NAG E . 12.91 6.72 36.91
C3 NAG E . 12.58 7.84 37.83
C4 NAG E . 12.36 9.15 37.12
C5 NAG E . 11.48 8.93 35.90
C6 NAG E . 11.32 10.16 35.17
C7 NAG E . 13.38 4.28 37.19
C8 NAG E . 13.09 2.99 37.91
N2 NAG E . 12.68 5.45 37.59
O3 NAG E . 13.68 7.98 38.76
O4 NAG E . 11.63 10.12 37.86
O5 NAG E . 12.10 7.97 35.02
O6 NAG E . 10.23 10.81 35.79
O7 NAG E . 14.24 4.33 36.25
C1 NAG E . 12.44 11.26 38.19
C2 NAG E . 11.59 12.44 38.59
C3 NAG E . 12.34 13.40 39.44
C4 NAG E . 12.98 12.74 40.61
C5 NAG E . 13.93 11.63 40.17
C6 NAG E . 14.41 10.81 41.27
C7 NAG E . 9.83 12.97 36.87
C8 NAG E . 9.36 13.65 35.62
N2 NAG E . 11.14 13.17 37.39
O3 NAG E . 11.42 14.40 39.95
O4 NAG E . 13.70 13.69 41.37
O5 NAG E . 13.28 10.70 39.24
O6 NAG E . 15.23 9.76 40.76
O7 NAG E . 9.07 12.11 37.41
C1 NAG F . 11.66 10.99 -10.54
C2 NAG F . 10.45 11.60 -9.90
C3 NAG F . 9.30 11.69 -10.83
C4 NAG F . 9.67 12.44 -12.05
C5 NAG F . 10.89 11.82 -12.70
C6 NAG F . 11.30 12.62 -13.84
C7 NAG F . 10.43 11.19 -7.43
C8 NAG F . 10.01 10.35 -6.28
N2 NAG F . 10.06 10.79 -8.74
O3 NAG F . 8.19 12.35 -10.15
O4 NAG F . 8.64 12.37 -13.01
O5 NAG F . 11.99 11.78 -11.74
O6 NAG F . 12.57 13.22 -13.61
O7 NAG F . 11.11 12.26 -7.23
C1 NAG F . 7.79 13.52 -12.99
C2 NAG F . 7.48 13.93 -14.40
C3 NAG F . 6.47 15.04 -14.43
C4 NAG F . 5.30 14.77 -13.56
C5 NAG F . 5.73 14.38 -12.14
C6 NAG F . 4.65 14.06 -11.23
C7 NAG F . 9.12 13.94 -16.32
C8 NAG F . 10.40 14.44 -16.90
N2 NAG F . 8.73 14.39 -15.02
O3 NAG F . 6.02 15.25 -15.81
O4 NAG F . 4.54 15.96 -13.49
O5 NAG F . 6.58 13.20 -12.22
O6 NAG F . 5.13 14.15 -9.91
O7 NAG F . 8.39 13.13 -16.97
C1 BMA F . 3.14 15.65 -13.60
C2 BMA F . 2.38 16.70 -12.81
C3 BMA F . 0.92 16.55 -12.98
C4 BMA F . 0.50 16.31 -14.39
C5 BMA F . 1.30 15.21 -15.03
C6 BMA F . 0.92 14.99 -16.46
O2 BMA F . 2.77 18.01 -13.25
O3 BMA F . 0.32 17.78 -12.50
O4 BMA F . -0.88 15.93 -14.38
O5 BMA F . 2.69 15.61 -15.01
O6 BMA F . 1.31 16.16 -17.15
C1 MAN F . -0.06 17.64 -11.11
C2 MAN F . -1.35 18.41 -11.00
C3 MAN F . -1.12 19.87 -10.97
C4 MAN F . -0.12 20.27 -9.92
C5 MAN F . 1.19 19.56 -10.13
C6 MAN F . 2.12 19.89 -9.01
O2 MAN F . -1.98 18.02 -9.77
O3 MAN F . -2.38 20.52 -10.72
O4 MAN F . 0.10 21.68 -9.95
O5 MAN F . 0.99 18.12 -10.16
O6 MAN F . 3.40 19.35 -9.28
C1 MAN F . -3.31 17.52 -9.96
C2 MAN F . -4.21 18.34 -9.06
C3 MAN F . -4.20 17.95 -7.62
C4 MAN F . -4.19 16.49 -7.40
C5 MAN F . -3.15 15.82 -8.27
C6 MAN F . -3.18 14.35 -8.09
O2 MAN F . -5.58 18.21 -9.53
O3 MAN F . -5.40 18.48 -7.00
O4 MAN F . -3.91 16.24 -6.02
O5 MAN F . -3.40 16.07 -9.68
O6 MAN F . -4.03 13.77 -9.06
C1 MAN F . -6.10 19.48 -9.98
C2 MAN F . -7.55 19.58 -9.56
C3 MAN F . -8.37 18.57 -10.27
C4 MAN F . -8.25 18.75 -11.75
C5 MAN F . -6.79 18.68 -12.19
C6 MAN F . -6.66 19.09 -13.62
O2 MAN F . -8.03 20.88 -9.91
O3 MAN F . -9.75 18.67 -9.85
O4 MAN F . -8.99 17.74 -12.42
O5 MAN F . -5.93 19.58 -11.45
O6 MAN F . -5.32 18.92 -14.01
C1 MAN F . 1.04 16.04 -18.55
C2 MAN F . 1.52 17.33 -19.17
C3 MAN F . 0.67 18.47 -18.79
C4 MAN F . -0.76 18.19 -19.12
C5 MAN F . -1.22 16.93 -18.40
C6 MAN F . -2.64 16.60 -18.71
O2 MAN F . 1.47 17.20 -20.58
O3 MAN F . 1.16 19.60 -19.56
O4 MAN F . -1.59 19.30 -18.77
O5 MAN F . -0.39 15.79 -18.81
O6 MAN F . -2.71 16.16 -20.06
C1 MAN F . -3.93 16.53 -20.76
C2 MAN F . -3.78 15.72 -22.03
C3 MAN F . -2.91 16.41 -23.02
C4 MAN F . -3.45 17.75 -23.30
C5 MAN F . -3.31 18.59 -22.07
C6 MAN F . -3.81 19.97 -22.34
O2 MAN F . -5.03 15.49 -22.72
O3 MAN F . -2.87 15.66 -24.25
O4 MAN F . -2.72 18.33 -24.40
O5 MAN F . -4.14 17.98 -21.01
O6 MAN F . -2.83 20.89 -21.87
C1 MAN F . -5.06 14.10 -23.10
C2 MAN F . -5.88 13.82 -24.34
C3 MAN F . -7.32 14.18 -24.16
C4 MAN F . -7.86 13.47 -22.97
C5 MAN F . -7.03 13.80 -21.74
C6 MAN F . -7.44 13.04 -20.53
O2 MAN F . -5.78 12.39 -24.55
O3 MAN F . -8.09 13.85 -25.34
O4 MAN F . -9.24 13.84 -22.78
O5 MAN F . -5.63 13.42 -21.93
O6 MAN F . -6.29 12.67 -19.80
C1 MAN F . 1.44 20.77 -18.77
C2 MAN F . 1.01 21.91 -19.66
C3 MAN F . 1.94 22.01 -20.82
C4 MAN F . 3.36 22.10 -20.40
C5 MAN F . 3.76 20.96 -19.50
C6 MAN F . 5.16 21.14 -19.00
O2 MAN F . 1.06 23.13 -18.91
O3 MAN F . 1.62 23.17 -21.62
O4 MAN F . 4.17 22.05 -21.59
O5 MAN F . 2.85 20.89 -18.35
O6 MAN F . 5.66 19.91 -18.54
C1 NAG G . 39.14 11.56 -0.50
C2 NAG G . 40.00 10.72 0.41
C3 NAG G . 41.22 11.45 0.81
C4 NAG G . 41.98 11.84 -0.40
C5 NAG G . 41.09 12.70 -1.28
C6 NAG G . 41.76 13.10 -2.50
C7 NAG G . 38.46 9.23 1.60
C8 NAG G . 37.69 8.90 2.83
N2 NAG G . 39.27 10.38 1.61
O3 NAG G . 42.03 10.61 1.66
O4 NAG G . 43.13 12.57 -0.03
O5 NAG G . 39.91 11.97 -1.68
O6 NAG G . 40.79 13.70 -3.35
O7 NAG G . 38.37 8.50 0.55
C1 NAG G . 44.34 11.88 -0.47
C2 NAG G . 45.36 12.87 -0.98
C3 NAG G . 46.62 12.20 -1.43
C4 NAG G . 47.20 11.26 -0.43
C5 NAG G . 46.10 10.34 0.07
C6 NAG G . 46.49 9.43 1.13
C7 NAG G . 44.66 14.98 -2.14
C8 NAG G . 44.11 15.63 -3.36
N2 NAG G . 44.82 13.56 -2.14
O3 NAG G . 47.63 13.20 -1.75
O4 NAG G . 48.22 10.52 -1.08
O5 NAG G . 44.97 11.12 0.61
O6 NAG G . 46.21 10.01 2.39
O7 NAG G . 44.98 15.65 -1.10
C1 BMA G . 49.35 10.35 -0.20
C2 BMA G . 50.34 9.32 -0.73
C3 BMA G . 51.44 9.11 0.25
C4 BMA G . 52.04 10.41 0.70
C5 BMA G . 50.96 11.41 1.09
C6 BMA G . 51.58 12.69 1.54
O2 BMA G . 50.92 9.78 -1.97
O3 BMA G . 52.47 8.27 -0.33
O4 BMA G . 52.88 10.26 1.84
O5 BMA G . 50.07 11.64 -0.03
O6 BMA G . 51.71 12.64 2.93
C1 MAN G . 53.24 7.61 0.70
C2 MAN G . 54.67 7.66 0.25
C3 MAN G . 54.92 6.78 -0.92
C4 MAN G . 54.37 5.41 -0.73
C5 MAN G . 52.93 5.43 -0.27
C6 MAN G . 52.45 4.05 0.03
O2 MAN G . 55.52 7.22 1.32
O3 MAN G . 56.36 6.68 -1.13
O4 MAN G . 54.45 4.72 -1.98
O5 MAN G . 52.76 6.23 0.93
O6 MAN G . 51.09 3.96 -0.31
C1 NAG H . 6.13 4.13 1.50
C2 NAG H . 5.52 2.86 1.05
C3 NAG H . 4.07 2.83 1.23
C4 NAG H . 3.66 3.25 2.58
C5 NAG H . 4.43 4.44 3.15
C6 NAG H . 4.21 4.51 4.57
C7 NAG H . 5.93 1.43 -0.95
C8 NAG H . 6.32 1.27 -2.38
N2 NAG H . 5.89 2.72 -0.35
O3 NAG H . 3.68 1.44 1.00
O4 NAG H . 2.31 3.67 2.55
O5 NAG H . 5.84 4.36 2.91
O6 NAG H . 2.91 5.05 4.75
O7 NAG H . 5.60 0.42 -0.24
C1 NAG H . 1.58 2.55 3.09
C2 NAG H . 0.23 3.00 3.56
C3 NAG H . -0.48 1.85 4.16
C4 NAG H . -0.62 0.72 3.21
C5 NAG H . 0.66 0.37 2.47
C6 NAG H . 0.32 -0.37 1.26
C7 NAG H . 0.28 4.52 5.76
C8 NAG H . -0.14 3.65 6.90
N2 NAG H . 0.43 4.21 4.37
O3 NAG H . -1.79 2.30 4.58
O4 NAG H . -0.98 -0.43 3.92
O5 NAG H . 1.43 1.53 2.04
O6 NAG H . -0.23 -1.63 1.62
O7 NAG H . 0.59 5.72 6.04
C1 BMA H . -2.36 -0.70 3.64
C2 BMA H . -2.72 -2.05 4.18
C3 BMA H . -4.17 -2.32 4.01
C4 BMA H . -4.97 -1.25 4.63
C5 BMA H . -4.60 0.04 3.93
C6 BMA H . -5.47 1.16 4.34
O2 BMA H . -2.39 -2.06 5.58
O3 BMA H . -4.48 -3.57 4.63
O4 BMA H . -6.37 -1.46 4.45
O5 BMA H . -3.21 0.34 4.23
O6 BMA H . -4.74 2.36 4.23
C1 MAN H . -5.43 -4.12 3.69
C2 MAN H . -6.13 -5.33 4.31
C3 MAN H . -5.49 -6.64 4.10
C4 MAN H . -5.28 -6.86 2.65
C5 MAN H . -4.40 -5.80 2.02
C6 MAN H . -4.53 -5.85 0.53
O2 MAN H . -7.43 -5.39 3.68
O3 MAN H . -6.47 -7.62 4.56
O4 MAN H . -4.69 -8.15 2.40
O5 MAN H . -4.73 -4.41 2.39
O6 MAN H . -3.43 -5.17 -0.04
C1 MAN H . -5.39 3.53 4.84
C2 MAN H . -4.76 3.78 6.22
C3 MAN H . -5.48 3.19 7.38
C4 MAN H . -6.94 3.52 7.36
C5 MAN H . -7.57 2.95 6.10
C6 MAN H . -9.03 3.23 5.96
O2 MAN H . -4.63 5.20 6.39
O3 MAN H . -4.86 3.64 8.61
O4 MAN H . -7.59 2.93 8.49
O5 MAN H . -6.90 3.41 4.88
O6 MAN H . -9.49 2.63 4.77
C1 NAG I . 44.02 21.62 5.64
C2 NAG I . 44.72 22.84 5.09
C3 NAG I . 46.04 23.11 5.73
C4 NAG I . 45.95 23.17 7.23
C5 NAG I . 45.13 21.97 7.74
C6 NAG I . 44.71 22.07 9.11
C7 NAG I . 44.01 23.35 2.70
C8 NAG I . 42.97 24.32 3.15
N2 NAG I . 44.84 22.66 3.64
O3 NAG I . 46.55 24.37 5.22
O4 NAG I . 47.24 23.10 7.84
O5 NAG I . 43.86 21.85 7.05
O6 NAG I . 44.15 23.36 9.29
O7 NAG I . 44.19 23.14 1.46
C1 NAG I . 47.93 24.37 7.86
C2 NAG I . 48.43 24.64 9.26
C3 NAG I . 49.20 25.90 9.38
C4 NAG I . 50.33 25.94 8.42
C5 NAG I . 49.81 25.67 7.02
C6 NAG I . 50.92 25.62 6.09
C7 NAG I . 46.88 23.66 10.96
C8 NAG I . 45.69 23.84 11.86
N2 NAG I . 47.28 24.75 10.16
O3 NAG I . 49.71 26.04 10.74
O4 NAG I . 50.95 27.22 8.47
O5 NAG I . 49.07 24.41 6.93
O6 NAG I . 50.43 25.23 4.82
O7 NAG I . 47.51 22.55 10.93
C1 NAG J . 28.29 17.12 19.60
C2 NAG J . 27.67 16.16 20.59
C3 NAG J . 26.39 16.75 21.07
C4 NAG J . 26.56 18.12 21.60
C5 NAG J . 27.30 19.00 20.61
C6 NAG J . 27.55 20.30 21.17
C7 NAG J . 27.90 13.69 20.43
C8 NAG J . 27.57 12.43 19.71
N2 NAG J . 27.39 14.90 19.92
O3 NAG J . 25.82 15.88 22.09
O4 NAG J . 25.30 18.70 21.81
O5 NAG J . 28.58 18.40 20.25
O6 NAG J . 28.55 20.90 20.35
O7 NAG J . 28.63 13.68 21.48
C1 NAG J . 24.98 18.79 23.22
C2 NAG J . 24.05 19.94 23.48
C3 NAG J . 23.74 20.07 24.92
C4 NAG J . 23.26 18.79 25.50
C5 NAG J . 24.20 17.63 25.14
C6 NAG J . 23.66 16.38 25.62
C7 NAG J . 24.13 21.98 22.00
C8 NAG J . 24.88 23.20 21.57
N2 NAG J . 24.71 21.16 23.00
O3 NAG J . 22.74 21.11 25.10
O4 NAG J . 23.18 18.90 26.92
O5 NAG J . 24.38 17.54 23.69
O6 NAG J . 23.39 16.50 27.00
O7 NAG J . 23.00 21.68 21.49
C1 BMA J . 21.84 19.28 27.33
C2 BMA J . 21.64 19.01 28.81
C3 BMA J . 20.26 19.41 29.25
C4 BMA J . 19.91 20.79 28.81
C5 BMA J . 20.18 21.01 27.33
C6 BMA J . 19.89 22.43 26.92
O2 BMA J . 22.61 19.76 29.57
O3 BMA J . 20.20 19.34 30.69
O4 BMA J . 18.52 21.02 29.07
O5 BMA J . 21.57 20.70 27.03
O6 BMA J . 19.55 22.43 25.55
C1 MAN J . 18.80 23.60 25.21
C2 MAN J . 18.67 23.71 23.71
C3 MAN J . 19.96 24.06 23.04
C4 MAN J . 20.62 25.24 23.66
C5 MAN J . 20.73 25.08 25.17
C6 MAN J . 21.34 26.29 25.80
O2 MAN J . 17.70 24.72 23.39
O3 MAN J . 19.68 24.35 21.64
O4 MAN J . 21.94 25.38 23.12
O5 MAN J . 19.42 24.84 25.76
O6 MAN J . 22.24 25.87 26.79
N1 EPE K . 40.64 2.92 24.94
C2 EPE K . 42.00 3.27 25.14
C3 EPE K . 42.82 2.03 25.41
N4 EPE K . 42.32 1.34 26.56
C5 EPE K . 40.97 0.99 26.39
C6 EPE K . 40.12 2.19 26.07
C7 EPE K . 43.14 0.15 26.71
C8 EPE K . 42.76 -0.48 28.04
O8 EPE K . 43.89 -1.06 28.66
C9 EPE K . 39.83 4.11 24.71
C10 EPE K . 40.26 4.76 23.37
S EPE K . 38.87 5.00 22.32
O1S EPE K . 38.32 6.39 22.48
O2S EPE K . 37.85 3.93 22.59
O3S EPE K . 39.32 4.80 20.90
C1 BEN L . 42.37 -11.79 -11.16
C2 BEN L . 41.13 -11.17 -11.05
C3 BEN L . 40.09 -11.58 -11.85
C4 BEN L . 40.29 -12.60 -12.74
C5 BEN L . 41.53 -13.22 -12.86
C6 BEN L . 42.57 -12.81 -12.07
C BEN L . 43.51 -11.34 -10.28
N1 BEN L . 43.55 -10.00 -9.88
N2 BEN L . 44.42 -12.22 -9.91
C1 BEN M . 38.26 -13.13 27.10
C2 BEN M . 39.32 -13.97 26.84
C3 BEN M . 40.61 -13.57 27.18
C4 BEN M . 40.84 -12.33 27.77
C5 BEN M . 39.76 -11.50 28.03
C6 BEN M . 38.48 -11.91 27.70
C BEN M . 36.86 -13.55 26.75
N1 BEN M . 35.82 -13.10 27.45
N2 BEN M . 36.64 -14.44 25.67
C1 NAG N . 22.28 11.40 -23.70
C2 NAG N . 22.72 12.76 -23.22
C3 NAG N . 23.90 13.23 -23.99
C4 NAG N . 25.02 12.26 -23.96
C5 NAG N . 24.55 10.86 -24.37
C6 NAG N . 25.58 9.86 -24.16
C7 NAG N . 20.89 14.16 -22.20
C8 NAG N . 19.76 15.12 -22.37
N2 NAG N . 21.60 13.70 -23.34
O3 NAG N . 24.34 14.51 -23.45
O4 NAG N . 26.05 12.67 -24.84
O5 NAG N . 23.39 10.43 -23.59
O6 NAG N . 24.99 8.57 -24.22
O7 NAG N . 21.24 13.75 -21.03
C1 NAG O . 5.50 26.18 -3.94
C2 NAG O . 5.89 27.58 -4.36
C3 NAG O . 5.19 27.88 -5.63
C4 NAG O . 5.44 26.84 -6.68
C5 NAG O . 5.22 25.43 -6.12
C6 NAG O . 5.56 24.40 -7.09
C7 NAG O . 6.41 28.99 -2.35
C8 NAG O . 5.98 30.01 -1.35
N2 NAG O . 5.49 28.56 -3.35
O3 NAG O . 5.56 29.19 -6.13
O4 NAG O . 4.56 27.05 -7.76
O5 NAG O . 6.01 25.20 -4.91
O6 NAG O . 6.14 23.31 -6.38
O7 NAG O . 7.58 28.49 -2.31
C1 NAG P . -22.56 18.90 -23.62
C2 NAG P . -22.23 19.99 -24.61
C3 NAG P . -23.36 20.25 -25.53
C4 NAG P . -23.76 19.02 -26.27
C5 NAG P . -24.00 17.84 -25.32
C6 NAG P . -24.08 16.60 -26.09
C7 NAG P . -21.03 22.18 -24.44
C8 NAG P . -20.66 23.39 -23.64
N2 NAG P . -21.87 21.18 -23.86
O3 NAG P . -23.00 21.29 -26.48
O4 NAG P . -24.96 19.28 -26.98
O5 NAG P . -22.92 17.66 -24.33
O6 NAG P . -25.26 15.91 -25.73
O7 NAG P . -20.60 22.05 -25.63
#